data_2VQS
#
_entry.id   2VQS
#
_cell.length_a   137.644
_cell.length_b   112.828
_cell.length_c   69.721
_cell.angle_alpha   90.00
_cell.angle_beta   90.00
_cell.angle_gamma   90.00
#
_symmetry.space_group_name_H-M   'P 21 21 2'
#
loop_
_entity.id
_entity.type
_entity.pdbx_description
1 polymer 'DEOXYNUCLEOSIDE KINASE'
2 non-polymer 'SULFATE ION'
3 non-polymer 5-BROMOVINYLDEOXYURIDINE
4 water water
#
_entity_poly.entity_id   1
_entity_poly.type   'polypeptide(L)'
_entity_poly.pdbx_seq_one_letter_code
;MAEAASCARKGTKYAEGTQPFTVLIEGNIGSGKTTYLNHFEKYKNDICLLTEPVEKWRNVNGVNLLELMYKDPKKWAMPF
QSYVTLTMLQSHTAPTNKKLKIMERSIFSARYCFVENMRRNGSLEQGMYNTLEEWYKFIEESIHVQADLIIYLRTSPEVA
YERIRQRARSEESCVPLKYLQELHELHEDWLIHQRRPQSCKVLVLDADLNLENIGTEYQRSESSIFDAIS
;
_entity_poly.pdbx_strand_id   A,B,C,D
#
# COMPACT_ATOMS: atom_id res chain seq x y z
N THR A 12 18.05 15.62 31.46
CA THR A 12 18.48 14.25 31.04
C THR A 12 17.50 13.64 30.04
N LYS A 13 16.20 13.77 30.29
CA LYS A 13 15.19 13.19 29.40
C LYS A 13 15.00 14.01 28.11
N TYR A 14 14.56 13.34 27.04
CA TYR A 14 14.30 14.05 25.79
C TYR A 14 13.08 14.96 25.91
N ALA A 15 13.19 16.13 25.31
CA ALA A 15 12.17 17.16 25.40
C ALA A 15 11.97 17.74 26.82
N GLU A 16 12.88 17.43 27.75
CA GLU A 16 12.91 18.14 29.03
C GLU A 16 13.10 19.64 28.82
N GLY A 17 12.46 20.44 29.68
CA GLY A 17 12.59 21.89 29.64
C GLY A 17 12.06 22.60 28.40
N THR A 18 11.55 21.85 27.42
CA THR A 18 11.11 22.43 26.13
C THR A 18 9.60 22.55 25.98
N GLN A 19 8.86 22.43 27.08
CA GLN A 19 7.38 22.34 27.03
C GLN A 19 6.64 23.34 27.92
N PRO A 20 5.58 23.96 27.36
CA PRO A 20 4.71 24.88 28.08
C PRO A 20 3.78 24.16 29.04
N PHE A 21 2.91 24.93 29.71
CA PHE A 21 1.88 24.38 30.57
C PHE A 21 1.05 23.44 29.69
N THR A 22 0.78 22.23 30.18
CA THR A 22 0.07 21.23 29.39
C THR A 22 -1.16 20.65 30.08
N VAL A 23 -2.27 20.71 29.34
CA VAL A 23 -3.56 20.21 29.79
C VAL A 23 -3.95 18.99 28.96
N LEU A 24 -4.34 17.92 29.65
CA LEU A 24 -4.73 16.69 28.99
C LEU A 24 -6.21 16.43 29.14
N ILE A 25 -6.95 16.52 28.04
CA ILE A 25 -8.38 16.25 28.11
C ILE A 25 -8.58 14.75 28.04
N GLU A 26 -9.14 14.17 29.08
CA GLU A 26 -9.34 12.74 29.10
C GLU A 26 -10.80 12.38 29.34
N GLY A 27 -11.23 11.23 28.83
CA GLY A 27 -12.60 10.74 29.06
C GLY A 27 -12.91 9.49 28.28
N ASN A 28 -14.10 8.92 28.49
CA ASN A 28 -14.52 7.73 27.75
C ASN A 28 -14.74 8.07 26.30
N ILE A 29 -14.90 7.04 25.46
CA ILE A 29 -15.34 7.25 24.08
C ILE A 29 -16.68 7.96 24.20
N GLY A 30 -16.95 8.87 23.26
CA GLY A 30 -18.25 9.55 23.17
C GLY A 30 -18.60 10.19 24.49
N SER A 31 -17.70 11.03 25.02
CA SER A 31 -17.99 11.82 26.23
C SER A 31 -17.90 13.33 25.88
N GLY A 32 -18.00 13.64 24.60
CA GLY A 32 -17.98 15.01 24.11
C GLY A 32 -16.62 15.65 24.12
N LYS A 33 -15.57 14.83 24.11
CA LYS A 33 -14.21 15.32 24.04
C LYS A 33 -14.01 16.20 22.80
N THR A 34 -14.40 15.70 21.62
CA THR A 34 -14.18 16.41 20.37
C THR A 34 -14.91 17.75 20.32
N THR A 35 -16.18 17.72 20.76
CA THR A 35 -16.99 18.91 20.92
C THR A 35 -16.25 19.89 21.82
N TYR A 36 -15.96 19.46 23.05
CA TYR A 36 -15.34 20.32 24.06
C TYR A 36 -14.05 20.99 23.60
N LEU A 37 -13.32 20.31 22.72
CA LEU A 37 -12.09 20.88 22.18
C LEU A 37 -12.32 21.97 21.13
N ASN A 38 -13.36 21.80 20.31
CA ASN A 38 -13.71 22.76 19.28
C ASN A 38 -13.92 24.16 19.87
N HIS A 39 -14.27 24.20 21.15
CA HIS A 39 -14.45 25.49 21.81
C HIS A 39 -13.11 26.22 21.99
N PHE A 40 -12.03 25.45 22.05
CA PHE A 40 -10.69 26.03 22.11
C PHE A 40 -10.16 26.37 20.72
N GLU A 41 -10.83 25.82 19.70
CA GLU A 41 -10.39 25.92 18.32
C GLU A 41 -10.23 27.35 17.82
N LYS A 42 -10.87 28.30 18.49
CA LYS A 42 -10.77 29.72 18.08
C LYS A 42 -9.62 30.48 18.70
N TYR A 43 -8.74 29.78 19.41
CA TYR A 43 -7.53 30.38 19.92
C TYR A 43 -6.35 29.64 19.35
N LYS A 44 -6.59 28.93 18.25
CA LYS A 44 -5.52 28.30 17.46
C LYS A 44 -4.18 29.04 17.58
N ASN A 45 -4.22 30.37 17.66
CA ASN A 45 -3.03 31.21 17.59
C ASN A 45 -2.25 31.36 18.89
N ASP A 46 -2.85 31.00 20.02
CA ASP A 46 -2.19 31.15 21.32
C ASP A 46 -2.13 29.83 22.03
N ILE A 47 -2.86 28.86 21.50
CA ILE A 47 -2.98 27.53 22.06
C ILE A 47 -2.47 26.51 21.04
N CYS A 48 -1.63 25.59 21.51
CA CYS A 48 -1.25 24.44 20.72
C CYS A 48 -2.32 23.39 20.92
N LEU A 49 -3.19 23.29 19.93
CA LEU A 49 -4.36 22.46 20.09
C LEU A 49 -4.21 21.14 19.35
N LEU A 50 -3.82 20.10 20.09
CA LEU A 50 -3.51 18.81 19.50
C LEU A 50 -4.54 17.74 19.76
N THR A 51 -5.30 17.39 18.73
CA THR A 51 -6.40 16.42 18.85
C THR A 51 -5.93 14.98 18.58
N GLU A 52 -6.49 14.03 19.30
CA GLU A 52 -6.34 12.59 19.01
C GLU A 52 -6.02 12.34 17.54
N PRO A 53 -4.78 11.89 17.25
CA PRO A 53 -4.38 11.75 15.87
C PRO A 53 -4.93 10.48 15.20
N VAL A 54 -6.24 10.30 15.28
CA VAL A 54 -6.90 9.16 14.63
C VAL A 54 -6.59 9.12 13.12
N GLU A 55 -6.42 10.28 12.50
CA GLU A 55 -6.02 10.34 11.10
C GLU A 55 -4.83 9.45 10.86
N LYS A 56 -3.75 9.72 11.58
CA LYS A 56 -2.52 8.91 11.57
C LYS A 56 -2.75 7.42 11.81
N TRP A 57 -3.62 7.04 12.74
CA TRP A 57 -3.81 5.62 13.01
C TRP A 57 -4.57 4.93 11.89
N ARG A 58 -5.26 5.73 11.09
CA ARG A 58 -6.09 5.22 9.98
C ARG A 58 -5.29 5.09 8.72
N ASN A 59 -4.15 5.77 8.70
CA ASN A 59 -3.21 5.75 7.58
C ASN A 59 -1.75 5.80 8.07
N VAL A 60 -1.15 4.62 8.19
CA VAL A 60 0.25 4.50 8.56
C VAL A 60 0.90 4.12 7.27
N ASN A 61 1.29 5.17 6.54
CA ASN A 61 1.76 5.09 5.15
C ASN A 61 0.98 4.10 4.33
N GLY A 62 -0.28 4.44 4.14
CA GLY A 62 -1.20 3.58 3.39
C GLY A 62 -2.03 2.63 4.23
N VAL A 63 -1.42 2.00 5.22
CA VAL A 63 -2.11 0.96 5.98
C VAL A 63 -3.00 1.56 7.04
N ASN A 64 -4.23 1.06 7.14
CA ASN A 64 -5.18 1.47 8.16
C ASN A 64 -5.15 0.53 9.38
N LEU A 65 -4.33 0.91 10.36
CA LEU A 65 -4.14 0.11 11.56
C LEU A 65 -5.38 -0.01 12.41
N LEU A 66 -6.16 1.07 12.49
CA LEU A 66 -7.36 1.10 13.32
C LEU A 66 -8.37 0.05 12.85
N GLU A 67 -8.53 -0.01 11.53
CA GLU A 67 -9.39 -1.01 10.91
C GLU A 67 -8.98 -2.39 11.37
N LEU A 68 -7.79 -2.79 10.92
CA LEU A 68 -7.23 -4.11 11.22
C LEU A 68 -7.35 -4.50 12.69
N MET A 69 -7.08 -3.54 13.58
CA MET A 69 -7.18 -3.74 15.00
C MET A 69 -8.58 -4.28 15.35
N TYR A 70 -9.62 -3.53 14.97
CA TYR A 70 -11.00 -3.95 15.23
C TYR A 70 -11.32 -5.27 14.51
N LYS A 71 -11.06 -5.28 13.21
CA LYS A 71 -11.26 -6.45 12.33
C LYS A 71 -10.60 -7.73 12.86
N ASP A 72 -9.33 -7.63 13.24
CA ASP A 72 -8.59 -8.79 13.77
C ASP A 72 -7.77 -8.43 15.03
N PRO A 73 -8.43 -8.39 16.21
CA PRO A 73 -7.79 -7.90 17.44
C PRO A 73 -6.57 -8.69 17.89
N LYS A 74 -6.72 -10.00 18.08
CA LYS A 74 -5.59 -10.79 18.65
C LYS A 74 -4.30 -10.63 17.86
N LYS A 75 -4.42 -10.19 16.60
CA LYS A 75 -3.25 -10.09 15.72
C LYS A 75 -2.69 -8.68 15.71
N TRP A 76 -3.59 -7.70 15.61
CA TRP A 76 -3.21 -6.31 15.31
C TRP A 76 -3.22 -5.34 16.50
N ALA A 77 -3.78 -5.78 17.63
CA ALA A 77 -3.82 -4.94 18.82
C ALA A 77 -2.43 -4.41 19.14
N MET A 78 -1.44 -5.31 19.22
CA MET A 78 -0.06 -4.99 19.56
C MET A 78 0.56 -3.87 18.68
N PRO A 79 0.61 -4.06 17.36
CA PRO A 79 1.18 -2.97 16.58
C PRO A 79 0.38 -1.67 16.68
N PHE A 80 -0.95 -1.78 16.59
CA PHE A 80 -1.80 -0.61 16.72
C PHE A 80 -1.45 0.19 17.98
N GLN A 81 -1.40 -0.48 19.13
CA GLN A 81 -1.21 0.21 20.40
C GLN A 81 0.16 0.83 20.43
N SER A 82 1.10 0.09 19.86
CA SER A 82 2.48 0.51 19.79
C SER A 82 2.51 1.78 18.98
N TYR A 83 1.71 1.79 17.91
CA TYR A 83 1.65 2.98 17.07
C TYR A 83 0.95 4.16 17.74
N VAL A 84 -0.14 3.88 18.44
CA VAL A 84 -0.77 4.92 19.23
C VAL A 84 0.23 5.55 20.21
N THR A 85 0.90 4.69 20.97
CA THR A 85 1.91 5.13 21.91
C THR A 85 2.89 6.09 21.27
N LEU A 86 3.32 5.76 20.06
CA LEU A 86 4.24 6.62 19.35
C LEU A 86 3.58 7.95 19.03
N THR A 87 2.43 7.91 18.35
CA THR A 87 1.76 9.17 17.93
C THR A 87 1.54 10.10 19.13
N MET A 88 1.24 9.51 20.29
CA MET A 88 1.06 10.27 21.50
C MET A 88 2.34 10.90 21.87
N LEU A 89 3.44 10.15 21.82
CA LEU A 89 4.75 10.70 22.20
C LEU A 89 5.12 11.87 21.29
N GLN A 90 4.87 11.71 20.00
CA GLN A 90 5.15 12.75 19.03
C GLN A 90 4.41 14.02 19.41
N SER A 91 3.14 13.86 19.83
CA SER A 91 2.32 14.97 20.33
C SER A 91 2.95 15.52 21.59
N HIS A 92 3.10 14.67 22.60
CA HIS A 92 3.67 15.06 23.86
C HIS A 92 4.97 15.83 23.76
N THR A 93 5.73 15.60 22.70
CA THR A 93 7.13 16.06 22.65
C THR A 93 7.35 17.06 21.54
N ALA A 94 6.30 17.30 20.74
CA ALA A 94 6.36 18.28 19.67
C ALA A 94 6.81 19.65 20.22
N PRO A 95 7.60 20.37 19.44
CA PRO A 95 8.03 21.66 19.95
C PRO A 95 6.91 22.69 19.72
N THR A 96 6.91 23.77 20.51
CA THR A 96 5.92 24.86 20.33
C THR A 96 6.25 26.17 21.06
N ASN A 97 6.16 27.27 20.32
CA ASN A 97 6.35 28.60 20.88
C ASN A 97 5.23 29.03 21.86
N LYS A 98 4.06 28.39 21.71
CA LYS A 98 2.83 28.74 22.44
C LYS A 98 2.99 28.58 23.96
N LYS A 99 2.26 29.41 24.70
CA LYS A 99 2.34 29.44 26.15
C LYS A 99 1.52 28.34 26.80
N LEU A 100 0.56 27.78 26.07
CA LEU A 100 -0.26 26.69 26.57
C LEU A 100 -0.44 25.55 25.55
N LYS A 101 -0.44 24.31 26.01
CA LYS A 101 -0.64 23.14 25.13
C LYS A 101 -1.76 22.24 25.63
N ILE A 102 -2.69 21.89 24.74
CA ILE A 102 -3.85 21.09 25.12
C ILE A 102 -3.94 19.86 24.24
N MET A 103 -3.87 18.69 24.86
CA MET A 103 -4.00 17.42 24.16
C MET A 103 -5.29 16.65 24.51
N GLU A 104 -5.89 16.10 23.48
CA GLU A 104 -6.96 15.17 23.64
C GLU A 104 -6.33 13.79 23.89
N ARG A 105 -6.58 13.26 25.09
CA ARG A 105 -5.97 12.01 25.60
C ARG A 105 -4.44 12.10 25.71
N SER A 106 -3.76 10.98 25.93
CA SER A 106 -2.30 11.03 26.15
C SER A 106 -1.67 9.62 26.12
N ILE A 107 -0.36 9.55 26.33
CA ILE A 107 0.24 8.26 26.56
C ILE A 107 -0.41 7.50 27.72
N PHE A 108 -0.79 8.23 28.77
CA PHE A 108 -1.28 7.56 29.96
C PHE A 108 -2.61 6.86 29.77
N SER A 109 -3.49 7.39 28.91
CA SER A 109 -4.79 6.73 28.77
C SER A 109 -4.66 5.58 27.83
N ALA A 110 -3.67 5.65 26.93
CA ALA A 110 -3.30 4.51 26.09
C ALA A 110 -2.81 3.34 26.94
N ARG A 111 -1.93 3.63 27.88
CA ARG A 111 -1.39 2.63 28.76
C ARG A 111 -2.43 2.07 29.75
N TYR A 112 -3.14 2.96 30.45
CA TYR A 112 -3.94 2.59 31.62
C TYR A 112 -5.35 2.21 31.28
N CYS A 113 -5.88 2.74 30.18
CA CYS A 113 -7.23 2.40 29.78
C CYS A 113 -7.23 1.40 28.62
N PHE A 114 -6.72 1.80 27.47
CA PHE A 114 -6.77 0.91 26.33
C PHE A 114 -5.92 -0.35 26.36
N VAL A 115 -4.60 -0.24 26.50
CA VAL A 115 -3.78 -1.44 26.68
C VAL A 115 -4.35 -2.33 27.80
N GLU A 116 -4.54 -1.76 28.98
CA GLU A 116 -5.03 -2.53 30.12
C GLU A 116 -6.33 -3.29 29.85
N ASN A 117 -7.27 -2.63 29.20
CA ASN A 117 -8.49 -3.34 28.88
C ASN A 117 -8.22 -4.50 27.95
N MET A 118 -7.44 -4.25 26.91
CA MET A 118 -7.17 -5.27 25.91
C MET A 118 -6.45 -6.45 26.50
N ARG A 119 -5.68 -6.19 27.56
CA ARG A 119 -5.07 -7.28 28.30
C ARG A 119 -6.19 -8.15 28.88
N ARG A 120 -7.09 -7.53 29.65
CA ARG A 120 -8.19 -8.25 30.29
C ARG A 120 -9.01 -9.10 29.32
N ASN A 121 -9.62 -8.47 28.32
CA ASN A 121 -10.37 -9.25 27.34
C ASN A 121 -9.45 -9.99 26.34
N GLY A 122 -8.22 -10.26 26.77
CA GLY A 122 -7.26 -11.06 26.02
C GLY A 122 -7.07 -10.70 24.56
N SER A 123 -7.18 -9.42 24.22
CA SER A 123 -6.82 -8.99 22.89
C SER A 123 -5.31 -8.98 22.77
N LEU A 124 -4.64 -8.53 23.82
CA LEU A 124 -3.19 -8.61 23.89
C LEU A 124 -2.82 -9.80 24.79
N GLU A 125 -2.09 -10.78 24.26
CA GLU A 125 -1.65 -11.90 25.09
C GLU A 125 -0.55 -11.46 26.00
N GLN A 126 -0.15 -12.34 26.91
CA GLN A 126 0.82 -12.01 27.93
C GLN A 126 2.11 -11.42 27.35
N GLY A 127 2.64 -12.04 26.30
CA GLY A 127 3.87 -11.58 25.65
C GLY A 127 3.85 -10.21 24.98
N MET A 128 2.75 -9.89 24.32
CA MET A 128 2.52 -8.56 23.73
C MET A 128 2.29 -7.45 24.75
N TYR A 129 1.44 -7.73 25.74
CA TYR A 129 1.23 -6.83 26.84
C TYR A 129 2.56 -6.45 27.48
N ASN A 130 3.35 -7.45 27.84
CA ASN A 130 4.61 -7.24 28.51
C ASN A 130 5.59 -6.40 27.71
N THR A 131 5.59 -6.55 26.40
CA THR A 131 6.47 -5.79 25.54
C THR A 131 6.14 -4.32 25.64
N LEU A 132 4.86 -4.00 25.46
CA LEU A 132 4.36 -2.62 25.65
C LEU A 132 4.68 -2.06 27.04
N GLU A 133 4.49 -2.88 28.07
CA GLU A 133 4.77 -2.38 29.41
C GLU A 133 6.24 -2.02 29.60
N GLU A 134 7.13 -2.91 29.17
CA GLU A 134 8.55 -2.66 29.26
C GLU A 134 8.87 -1.38 28.53
N TRP A 135 8.29 -1.23 27.34
CA TRP A 135 8.41 -0.01 26.57
C TRP A 135 7.89 1.16 27.38
N TYR A 136 6.68 1.06 27.94
CA TYR A 136 6.14 2.15 28.75
C TYR A 136 7.10 2.52 29.86
N LYS A 137 7.61 1.51 30.59
CA LYS A 137 8.59 1.69 31.66
C LYS A 137 9.86 2.38 31.13
N PHE A 138 10.32 1.97 29.96
CA PHE A 138 11.50 2.59 29.41
C PHE A 138 11.27 4.05 29.06
N ILE A 139 10.10 4.30 28.49
CA ILE A 139 9.75 5.62 27.99
C ILE A 139 9.74 6.64 29.12
N GLU A 140 9.19 6.25 30.27
CA GLU A 140 9.13 7.22 31.34
C GLU A 140 10.49 7.57 31.88
N GLU A 141 11.44 6.65 31.71
CA GLU A 141 12.84 6.88 32.09
C GLU A 141 13.48 7.87 31.14
N SER A 142 13.12 7.78 29.86
CA SER A 142 13.87 8.45 28.77
C SER A 142 13.26 9.71 28.17
N ILE A 143 11.95 9.73 28.03
CA ILE A 143 11.26 10.81 27.32
C ILE A 143 10.44 11.62 28.29
N HIS A 144 10.49 12.93 28.17
CA HIS A 144 9.79 13.83 29.11
C HIS A 144 8.34 14.06 28.70
N VAL A 145 7.39 13.62 29.54
CA VAL A 145 5.96 13.81 29.23
C VAL A 145 5.32 14.85 30.14
N GLN A 146 5.27 16.09 29.66
CA GLN A 146 4.77 17.22 30.43
C GLN A 146 3.27 17.15 30.63
N ALA A 147 2.85 17.07 31.88
CA ALA A 147 1.42 17.03 32.20
C ALA A 147 1.11 17.78 33.48
N ASP A 148 0.54 18.97 33.34
CA ASP A 148 0.17 19.82 34.46
C ASP A 148 -1.27 19.65 35.00
N LEU A 149 -2.23 19.48 34.09
CA LEU A 149 -3.62 19.31 34.50
C LEU A 149 -4.33 18.36 33.57
N ILE A 150 -5.00 17.37 34.14
CA ILE A 150 -5.89 16.55 33.36
C ILE A 150 -7.32 17.06 33.58
N ILE A 151 -8.06 17.21 32.50
CA ILE A 151 -9.49 17.48 32.63
C ILE A 151 -10.32 16.22 32.33
N TYR A 152 -10.84 15.61 33.37
CA TYR A 152 -11.62 14.41 33.19
C TYR A 152 -13.10 14.76 32.88
N LEU A 153 -13.53 14.48 31.64
CA LEU A 153 -14.94 14.57 31.22
C LEU A 153 -15.66 13.30 31.62
N ARG A 154 -16.03 13.24 32.89
CA ARG A 154 -16.77 12.13 33.46
C ARG A 154 -18.15 11.93 32.88
N THR A 155 -18.55 10.67 32.73
CA THR A 155 -19.87 10.28 32.23
C THR A 155 -20.22 8.88 32.73
N SER A 156 -21.51 8.56 32.59
CA SER A 156 -21.99 7.20 32.73
C SER A 156 -22.01 6.53 31.36
N PRO A 157 -21.54 5.28 31.30
CA PRO A 157 -21.46 4.51 30.08
C PRO A 157 -22.73 4.68 29.25
N GLU A 158 -23.87 4.40 29.86
CA GLU A 158 -25.18 4.67 29.30
C GLU A 158 -25.17 5.90 28.38
N VAL A 159 -24.81 7.05 28.93
CA VAL A 159 -24.81 8.29 28.18
C VAL A 159 -23.83 8.23 27.00
N ALA A 160 -22.58 7.86 27.30
CA ALA A 160 -21.55 7.80 26.28
C ALA A 160 -22.15 7.03 25.10
N TYR A 161 -22.84 5.95 25.45
CA TYR A 161 -23.55 5.07 24.52
C TYR A 161 -24.54 5.88 23.67
N GLU A 162 -25.41 6.62 24.34
CA GLU A 162 -26.39 7.42 23.65
C GLU A 162 -25.76 8.72 23.20
N ARG A 163 -24.88 8.64 22.22
CA ARG A 163 -24.28 9.83 21.61
C ARG A 163 -23.76 9.47 20.25
N PRO A 176 -19.98 -2.06 21.65
CA PRO A 176 -20.83 -2.54 22.74
C PRO A 176 -20.82 -1.65 23.98
N LEU A 177 -21.91 -1.68 24.75
CA LEU A 177 -21.99 -0.95 26.02
C LEU A 177 -21.06 -1.51 27.13
N LYS A 178 -20.93 -2.84 27.21
CA LYS A 178 -20.01 -3.48 28.18
C LYS A 178 -18.57 -2.96 28.03
N TYR A 179 -18.12 -2.78 26.78
CA TYR A 179 -16.79 -2.26 26.45
C TYR A 179 -16.61 -0.88 27.07
N LEU A 180 -17.57 -0.01 26.77
CA LEU A 180 -17.59 1.35 27.31
C LEU A 180 -17.66 1.35 28.84
N GLN A 181 -18.22 0.29 29.41
CA GLN A 181 -18.31 0.16 30.87
C GLN A 181 -16.94 -0.12 31.46
N GLU A 182 -16.19 -1.02 30.81
CA GLU A 182 -14.85 -1.41 31.21
C GLU A 182 -13.89 -0.22 31.08
N LEU A 183 -14.01 0.49 29.95
CA LEU A 183 -13.23 1.70 29.74
C LEU A 183 -13.52 2.75 30.80
N HIS A 184 -14.78 2.78 31.23
CA HIS A 184 -15.24 3.69 32.26
C HIS A 184 -14.59 3.37 33.60
N GLU A 185 -14.65 2.09 33.98
CA GLU A 185 -14.05 1.61 35.23
C GLU A 185 -12.56 1.92 35.27
N LEU A 186 -11.89 1.75 34.13
CA LEU A 186 -10.46 1.99 34.07
C LEU A 186 -10.13 3.46 34.17
N HIS A 187 -10.87 4.28 33.43
CA HIS A 187 -10.76 5.73 33.56
C HIS A 187 -11.03 6.15 34.99
N GLU A 188 -11.99 5.49 35.63
CA GLU A 188 -12.33 5.82 37.01
C GLU A 188 -11.18 5.51 37.95
N ASP A 189 -10.67 4.28 37.85
CA ASP A 189 -9.59 3.79 38.72
C ASP A 189 -8.39 4.70 38.62
N TRP A 190 -8.11 5.11 37.39
CA TRP A 190 -6.93 5.91 37.12
C TRP A 190 -7.08 7.32 37.66
N LEU A 191 -8.25 7.93 37.46
CA LEU A 191 -8.39 9.37 37.67
C LEU A 191 -9.10 9.81 38.94
N ILE A 192 -10.00 8.97 39.46
CA ILE A 192 -10.70 9.31 40.71
C ILE A 192 -9.96 8.70 41.90
N HIS A 193 -9.76 7.38 41.86
CA HIS A 193 -9.18 6.66 42.97
C HIS A 193 -7.65 6.74 42.87
N PRO A 197 -1.67 5.62 38.75
CA PRO A 197 -0.70 6.20 39.68
C PRO A 197 -0.33 7.67 39.41
N GLN A 198 -0.79 8.21 38.28
CA GLN A 198 -0.34 9.52 37.74
C GLN A 198 -0.68 10.80 38.60
N SER A 199 0.35 11.49 39.12
CA SER A 199 0.11 12.65 40.01
C SER A 199 0.39 14.06 39.41
N CYS A 200 -0.62 14.93 39.55
CA CYS A 200 -0.79 16.25 38.92
C CYS A 200 -2.30 16.41 38.98
N LYS A 201 -2.78 17.61 39.25
CA LYS A 201 -4.20 17.82 39.61
C LYS A 201 -5.21 17.35 38.54
N VAL A 202 -6.32 16.79 38.99
CA VAL A 202 -7.36 16.26 38.09
C VAL A 202 -8.67 17.03 38.19
N LEU A 203 -8.96 17.85 37.19
CA LEU A 203 -10.23 18.54 37.17
C LEU A 203 -11.36 17.65 36.63
N VAL A 204 -12.22 17.18 37.53
CA VAL A 204 -13.37 16.38 37.09
C VAL A 204 -14.55 17.26 36.61
N LEU A 205 -14.93 17.11 35.35
CA LEU A 205 -16.15 17.71 34.83
C LEU A 205 -17.26 16.67 34.66
N ASP A 206 -18.49 17.15 34.68
CA ASP A 206 -19.60 16.28 34.34
C ASP A 206 -20.01 16.45 32.86
N ALA A 207 -19.70 15.42 32.07
CA ALA A 207 -20.00 15.47 30.65
C ALA A 207 -21.36 14.84 30.26
N ASP A 208 -22.19 14.55 31.27
CA ASP A 208 -23.61 14.21 31.06
C ASP A 208 -24.41 15.47 30.74
N THR B 12 20.15 17.53 23.71
CA THR B 12 18.69 17.43 23.51
C THR B 12 18.21 16.00 23.64
N LYS B 13 18.95 15.06 23.07
CA LYS B 13 18.58 13.64 23.07
C LYS B 13 18.84 12.98 24.42
N TYR B 14 18.12 11.91 24.71
CA TYR B 14 18.36 11.16 25.95
C TYR B 14 19.69 10.41 25.91
N ALA B 15 20.39 10.43 27.03
CA ALA B 15 21.71 9.81 27.17
C ALA B 15 22.79 10.50 26.33
N GLU B 16 22.49 11.66 25.75
CA GLU B 16 23.53 12.49 25.14
C GLU B 16 24.64 12.79 26.16
N GLY B 17 25.87 12.91 25.67
CA GLY B 17 27.00 13.24 26.52
C GLY B 17 27.31 12.29 27.66
N THR B 18 26.52 11.25 27.84
CA THR B 18 26.69 10.38 29.02
C THR B 18 27.40 9.04 28.74
N GLN B 19 28.05 8.96 27.57
CA GLN B 19 28.58 7.69 27.06
C GLN B 19 30.06 7.72 26.64
N PRO B 20 30.82 6.67 27.00
CA PRO B 20 32.20 6.51 26.60
C PRO B 20 32.33 6.14 25.12
N PHE B 21 33.57 5.90 24.68
CA PHE B 21 33.86 5.31 23.38
C PHE B 21 33.15 3.95 23.27
N THR B 22 32.44 3.74 22.18
CA THR B 22 31.63 2.54 22.05
C THR B 22 31.91 1.76 20.79
N VAL B 23 32.17 0.47 21.00
CA VAL B 23 32.44 -0.47 19.95
C VAL B 23 31.29 -1.45 19.82
N LEU B 24 30.81 -1.61 18.60
CA LEU B 24 29.76 -2.56 18.31
C LEU B 24 30.27 -3.78 17.56
N ILE B 25 30.16 -4.95 18.15
CA ILE B 25 30.52 -6.17 17.47
C ILE B 25 29.35 -6.69 16.65
N GLU B 26 29.50 -6.70 15.34
CA GLU B 26 28.44 -7.11 14.44
C GLU B 26 28.85 -8.28 13.58
N GLY B 27 27.89 -9.09 13.17
CA GLY B 27 28.15 -10.26 12.34
C GLY B 27 26.94 -11.15 12.17
N ASN B 28 27.05 -12.14 11.30
CA ASN B 28 25.97 -13.08 11.11
C ASN B 28 25.79 -13.93 12.36
N ILE B 29 24.73 -14.72 12.38
CA ILE B 29 24.59 -15.77 13.40
C ILE B 29 25.76 -16.74 13.20
N GLY B 30 26.27 -17.28 14.31
CA GLY B 30 27.34 -18.23 14.24
C GLY B 30 28.52 -17.71 13.47
N SER B 31 29.03 -16.53 13.85
CA SER B 31 30.25 -15.99 13.27
C SER B 31 31.31 -15.77 14.34
N GLY B 32 31.16 -16.51 15.44
CA GLY B 32 32.12 -16.51 16.54
C GLY B 32 32.06 -15.28 17.40
N LYS B 33 30.94 -14.54 17.31
CA LYS B 33 30.75 -13.33 18.10
C LYS B 33 30.94 -13.59 19.61
N THR B 34 30.30 -14.66 20.10
CA THR B 34 30.32 -14.96 21.54
C THR B 34 31.70 -15.31 22.00
N THR B 35 32.35 -16.20 21.26
CA THR B 35 33.77 -16.51 21.45
C THR B 35 34.61 -15.24 21.46
N TYR B 36 34.55 -14.45 20.40
CA TYR B 36 35.38 -13.27 20.30
C TYR B 36 35.23 -12.34 21.50
N LEU B 37 34.04 -12.29 22.08
CA LEU B 37 33.78 -11.40 23.20
C LEU B 37 34.37 -11.90 24.52
N ASN B 38 34.35 -13.22 24.72
CA ASN B 38 34.95 -13.84 25.90
C ASN B 38 36.39 -13.42 26.09
N HIS B 39 37.06 -13.09 25.00
CA HIS B 39 38.44 -12.67 25.10
C HIS B 39 38.52 -11.33 25.83
N PHE B 40 37.46 -10.54 25.76
CA PHE B 40 37.42 -9.24 26.46
C PHE B 40 36.96 -9.41 27.90
N GLU B 41 36.38 -10.58 28.18
CA GLU B 41 35.76 -10.92 29.46
C GLU B 41 36.70 -10.75 30.65
N LYS B 42 38.00 -10.79 30.42
CA LYS B 42 38.96 -10.65 31.51
C LYS B 42 39.33 -9.19 31.78
N TYR B 43 38.67 -8.25 31.14
CA TYR B 43 38.84 -6.85 31.51
C TYR B 43 37.53 -6.28 32.00
N LYS B 44 36.68 -7.18 32.47
CA LYS B 44 35.40 -6.83 33.06
C LYS B 44 35.48 -5.51 33.82
N ASN B 45 36.64 -5.25 34.44
CA ASN B 45 36.82 -4.11 35.34
C ASN B 45 37.12 -2.77 34.67
N ASP B 46 37.47 -2.76 33.39
CA ASP B 46 37.81 -1.51 32.69
C ASP B 46 37.00 -1.37 31.43
N ILE B 47 36.26 -2.42 31.12
CA ILE B 47 35.39 -2.48 29.95
C ILE B 47 33.96 -2.76 30.38
N CYS B 48 33.03 -2.02 29.79
CA CYS B 48 31.62 -2.33 29.95
C CYS B 48 31.25 -3.30 28.86
N LEU B 49 31.15 -4.57 29.25
CA LEU B 49 31.01 -5.63 28.29
C LEU B 49 29.57 -6.14 28.26
N LEU B 50 28.82 -5.66 27.26
CA LEU B 50 27.40 -5.98 27.14
C LEU B 50 27.07 -6.92 25.99
N THR B 51 26.74 -8.15 26.34
CA THR B 51 26.48 -9.21 25.37
C THR B 51 25.00 -9.27 25.01
N GLU B 52 24.71 -9.56 23.75
CA GLU B 52 23.36 -9.81 23.28
C GLU B 52 22.49 -10.35 24.39
N PRO B 53 21.48 -9.56 24.82
CA PRO B 53 20.65 -9.95 25.94
C PRO B 53 19.60 -10.98 25.55
N VAL B 54 20.05 -12.08 24.97
CA VAL B 54 19.14 -13.17 24.63
C VAL B 54 18.39 -13.68 25.86
N GLU B 55 19.04 -13.60 27.02
CA GLU B 55 18.42 -13.99 28.27
C GLU B 55 17.11 -13.29 28.45
N LYS B 56 17.12 -11.96 28.27
CA LYS B 56 15.94 -11.13 28.33
C LYS B 56 14.88 -11.48 27.30
N TRP B 57 15.27 -11.81 26.08
CA TRP B 57 14.29 -12.15 25.06
C TRP B 57 13.64 -13.52 25.31
N ARG B 58 14.30 -14.34 26.11
CA ARG B 58 13.80 -15.68 26.44
C ARG B 58 12.90 -15.65 27.67
N ASN B 59 12.92 -14.54 28.40
CA ASN B 59 12.07 -14.36 29.56
C ASN B 59 11.66 -12.90 29.69
N VAL B 60 10.51 -12.57 29.14
CA VAL B 60 9.95 -11.24 29.31
C VAL B 60 8.90 -11.38 30.37
N ASN B 61 9.34 -11.26 31.60
CA ASN B 61 8.52 -11.54 32.75
C ASN B 61 7.77 -12.85 32.58
N GLY B 62 8.56 -13.90 32.45
CA GLY B 62 8.05 -15.24 32.30
C GLY B 62 7.94 -15.70 30.89
N VAL B 63 7.44 -14.85 30.01
CA VAL B 63 7.13 -15.23 28.64
C VAL B 63 8.38 -15.33 27.83
N ASN B 64 8.50 -16.41 27.06
CA ASN B 64 9.63 -16.60 26.14
C ASN B 64 9.37 -16.11 24.71
N LEU B 65 9.71 -14.86 24.45
CA LEU B 65 9.37 -14.22 23.16
C LEU B 65 10.11 -14.84 22.00
N LEU B 66 11.36 -15.21 22.24
CA LEU B 66 12.19 -15.82 21.22
C LEU B 66 11.58 -17.10 20.67
N GLU B 67 11.11 -17.95 21.57
CA GLU B 67 10.43 -19.19 21.21
C GLU B 67 9.27 -18.91 20.29
N LEU B 68 8.28 -18.18 20.81
CA LEU B 68 7.06 -17.85 20.11
C LEU B 68 7.35 -17.26 18.73
N MET B 69 8.39 -16.43 18.65
CA MET B 69 8.77 -15.80 17.41
C MET B 69 9.05 -16.87 16.35
N TYR B 70 9.97 -17.78 16.64
CA TYR B 70 10.27 -18.88 15.74
C TYR B 70 9.04 -19.79 15.49
N LYS B 71 8.45 -20.28 16.57
CA LYS B 71 7.24 -21.12 16.55
C LYS B 71 6.09 -20.53 15.71
N ASP B 72 5.77 -19.26 15.92
CA ASP B 72 4.69 -18.59 15.17
C ASP B 72 5.11 -17.17 14.71
N PRO B 73 5.88 -17.11 13.61
CA PRO B 73 6.48 -15.86 13.14
C PRO B 73 5.49 -14.75 12.73
N LYS B 74 4.55 -15.05 11.85
CA LYS B 74 3.63 -13.99 11.40
C LYS B 74 2.92 -13.29 12.56
N LYS B 75 2.83 -13.97 13.71
CA LYS B 75 2.13 -13.42 14.87
C LYS B 75 3.05 -12.68 15.81
N TRP B 76 4.20 -13.31 16.10
CA TRP B 76 5.09 -12.87 17.19
C TRP B 76 6.37 -12.10 16.81
N ALA B 77 6.62 -11.99 15.51
CA ALA B 77 7.75 -11.23 15.02
C ALA B 77 7.71 -9.78 15.53
N MET B 78 6.59 -9.11 15.28
CA MET B 78 6.37 -7.73 15.69
C MET B 78 6.71 -7.46 17.18
N PRO B 79 6.04 -8.14 18.14
CA PRO B 79 6.40 -7.84 19.52
C PRO B 79 7.82 -8.20 19.87
N PHE B 80 8.30 -9.36 19.41
CA PHE B 80 9.67 -9.76 19.61
C PHE B 80 10.67 -8.69 19.15
N GLN B 81 10.48 -8.20 17.94
CA GLN B 81 11.41 -7.24 17.40
C GLN B 81 11.34 -5.96 18.14
N SER B 82 10.12 -5.57 18.49
CA SER B 82 9.92 -4.40 19.29
C SER B 82 10.70 -4.56 20.58
N TYR B 83 10.58 -5.73 21.21
CA TYR B 83 11.27 -6.01 22.45
C TYR B 83 12.80 -6.00 22.31
N VAL B 84 13.33 -6.64 21.25
CA VAL B 84 14.75 -6.53 20.94
C VAL B 84 15.20 -5.07 20.82
N THR B 85 14.47 -4.28 20.04
CA THR B 85 14.79 -2.88 19.89
C THR B 85 14.88 -2.19 21.23
N LEU B 86 13.91 -2.45 22.11
CA LEU B 86 14.00 -1.96 23.48
C LEU B 86 15.27 -2.42 24.19
N THR B 87 15.49 -3.72 24.30
CA THR B 87 16.65 -4.22 25.06
C THR B 87 17.94 -3.64 24.56
N MET B 88 18.00 -3.39 23.26
CA MET B 88 19.18 -2.74 22.69
C MET B 88 19.35 -1.34 23.23
N LEU B 89 18.27 -0.59 23.20
CA LEU B 89 18.26 0.80 23.70
C LEU B 89 18.70 0.88 25.13
N GLN B 90 18.18 -0.04 25.95
CA GLN B 90 18.59 -0.16 27.33
C GLN B 90 20.12 -0.35 27.43
N SER B 91 20.65 -1.27 26.62
CA SER B 91 22.09 -1.46 26.51
C SER B 91 22.77 -0.18 26.00
N HIS B 92 22.36 0.30 24.82
CA HIS B 92 22.92 1.51 24.25
C HIS B 92 22.98 2.70 25.20
N THR B 93 22.07 2.74 26.18
CA THR B 93 21.86 3.96 26.96
C THR B 93 22.22 3.79 28.42
N ALA B 94 22.49 2.54 28.83
CA ALA B 94 22.92 2.24 30.19
C ALA B 94 24.03 3.18 30.62
N PRO B 95 24.03 3.58 31.90
CA PRO B 95 25.09 4.46 32.33
C PRO B 95 26.32 3.61 32.65
N THR B 96 27.51 4.21 32.60
CA THR B 96 28.72 3.52 33.04
C THR B 96 29.94 4.42 33.29
N ASN B 97 30.63 4.16 34.39
CA ASN B 97 31.86 4.86 34.73
C ASN B 97 33.05 4.52 33.79
N LYS B 98 32.98 3.36 33.14
CA LYS B 98 34.07 2.80 32.31
C LYS B 98 34.43 3.68 31.10
N LYS B 99 35.69 3.62 30.69
CA LYS B 99 36.21 4.45 29.61
C LYS B 99 35.88 3.87 28.24
N LEU B 100 35.54 2.59 28.22
CA LEU B 100 35.20 1.92 26.99
C LEU B 100 33.99 1.01 27.16
N LYS B 101 33.12 1.03 26.15
CA LYS B 101 31.94 0.17 26.13
C LYS B 101 31.90 -0.71 24.85
N ILE B 102 31.61 -2.00 25.05
CA ILE B 102 31.56 -2.93 23.95
C ILE B 102 30.24 -3.67 23.93
N MET B 103 29.47 -3.49 22.86
CA MET B 103 28.24 -4.25 22.69
C MET B 103 28.29 -5.31 21.59
N GLU B 104 27.72 -6.47 21.86
CA GLU B 104 27.42 -7.46 20.85
C GLU B 104 26.14 -7.02 20.13
N ARG B 105 26.25 -6.79 18.82
CA ARG B 105 25.16 -6.25 18.00
C ARG B 105 24.60 -4.91 18.53
N SER B 106 23.50 -4.42 17.97
CA SER B 106 23.05 -3.07 18.29
C SER B 106 21.64 -2.83 17.77
N ILE B 107 21.13 -1.60 17.95
CA ILE B 107 19.84 -1.27 17.38
C ILE B 107 19.89 -1.38 15.85
N PHE B 108 21.02 -1.03 15.28
CA PHE B 108 21.12 -0.94 13.83
C PHE B 108 21.05 -2.30 13.15
N SER B 109 21.53 -3.33 13.79
CA SER B 109 21.52 -4.60 13.12
C SER B 109 20.14 -5.16 13.23
N ALA B 110 19.47 -4.85 14.34
CA ALA B 110 18.06 -5.18 14.55
C ALA B 110 17.21 -4.55 13.43
N ARG B 111 17.46 -3.29 13.16
CA ARG B 111 16.71 -2.60 12.13
C ARG B 111 17.08 -2.99 10.69
N TYR B 112 18.36 -3.02 10.39
CA TYR B 112 18.84 -3.27 9.02
C TYR B 112 18.98 -4.73 8.62
N CYS B 113 19.22 -5.63 9.56
CA CYS B 113 19.33 -7.02 9.17
C CYS B 113 18.07 -7.80 9.52
N PHE B 114 17.70 -7.81 10.79
CA PHE B 114 16.60 -8.68 11.18
C PHE B 114 15.21 -8.19 10.81
N VAL B 115 14.86 -6.96 11.16
CA VAL B 115 13.56 -6.47 10.77
C VAL B 115 13.46 -6.55 9.26
N GLU B 116 14.47 -6.04 8.57
CA GLU B 116 14.44 -5.96 7.10
C GLU B 116 14.22 -7.31 6.43
N ASN B 117 14.90 -8.33 6.95
CA ASN B 117 14.78 -9.65 6.39
C ASN B 117 13.38 -10.14 6.60
N MET B 118 12.86 -9.94 7.81
CA MET B 118 11.53 -10.41 8.18
C MET B 118 10.44 -9.72 7.39
N ARG B 119 10.70 -8.50 6.96
CA ARG B 119 9.83 -7.87 5.99
C ARG B 119 9.82 -8.67 4.69
N ARG B 120 11.00 -8.95 4.14
CA ARG B 120 11.16 -9.68 2.88
C ARG B 120 10.45 -11.03 2.87
N ASN B 121 10.80 -11.90 3.79
CA ASN B 121 10.11 -13.18 3.85
C ASN B 121 8.74 -13.10 4.52
N GLY B 122 8.14 -11.91 4.49
CA GLY B 122 6.79 -11.65 5.01
C GLY B 122 6.44 -12.17 6.38
N SER B 123 7.43 -12.20 7.26
CA SER B 123 7.17 -12.48 8.66
C SER B 123 6.50 -11.25 9.29
N LEU B 124 6.97 -10.05 8.96
CA LEU B 124 6.31 -8.83 9.34
C LEU B 124 5.52 -8.33 8.16
N GLU B 125 4.21 -8.22 8.29
CA GLU B 125 3.39 -7.62 7.22
C GLU B 125 3.65 -6.12 7.09
N GLN B 126 3.11 -5.49 6.05
CA GLN B 126 3.38 -4.08 5.83
C GLN B 126 3.09 -3.18 7.05
N GLY B 127 1.97 -3.45 7.74
CA GLY B 127 1.56 -2.68 8.92
C GLY B 127 2.52 -2.75 10.09
N MET B 128 2.96 -3.96 10.41
CA MET B 128 3.90 -4.18 11.48
C MET B 128 5.28 -3.56 11.20
N TYR B 129 5.79 -3.83 10.01
CA TYR B 129 7.05 -3.24 9.60
C TYR B 129 7.02 -1.72 9.72
N ASN B 130 5.94 -1.09 9.27
CA ASN B 130 5.86 0.37 9.22
C ASN B 130 5.80 0.98 10.62
N THR B 131 5.18 0.25 11.54
CA THR B 131 5.15 0.69 12.92
C THR B 131 6.53 0.71 13.52
N LEU B 132 7.27 -0.40 13.41
CA LEU B 132 8.68 -0.39 13.84
C LEU B 132 9.49 0.73 13.16
N GLU B 133 9.24 1.00 11.89
CA GLU B 133 10.10 1.93 11.18
C GLU B 133 9.85 3.34 11.64
N GLU B 134 8.58 3.64 11.90
CA GLU B 134 8.21 4.94 12.49
C GLU B 134 8.85 5.09 13.86
N TRP B 135 8.78 4.01 14.65
CA TRP B 135 9.53 3.95 15.91
C TRP B 135 11.05 4.08 15.72
N TYR B 136 11.66 3.41 14.74
CA TYR B 136 13.08 3.60 14.55
C TYR B 136 13.36 5.07 14.24
N LYS B 137 12.55 5.65 13.34
CA LYS B 137 12.74 7.04 12.91
C LYS B 137 12.58 7.97 14.10
N PHE B 138 11.62 7.69 14.97
CA PHE B 138 11.41 8.51 16.15
C PHE B 138 12.59 8.44 17.10
N ILE B 139 13.07 7.22 17.30
CA ILE B 139 14.11 6.94 18.26
C ILE B 139 15.37 7.71 17.90
N GLU B 140 15.69 7.78 16.62
CA GLU B 140 16.92 8.42 16.29
C GLU B 140 16.85 9.91 16.50
N GLU B 141 15.64 10.45 16.47
CA GLU B 141 15.37 11.84 16.81
C GLU B 141 15.50 12.11 18.31
N SER B 142 15.12 11.13 19.12
CA SER B 142 14.98 11.29 20.60
C SER B 142 16.07 10.68 21.54
N ILE B 143 16.61 9.54 21.18
CA ILE B 143 17.53 8.83 22.02
C ILE B 143 18.89 8.84 21.39
N HIS B 144 19.92 9.02 22.21
CA HIS B 144 21.30 9.07 21.73
C HIS B 144 21.93 7.69 21.67
N VAL B 145 22.33 7.26 20.47
CA VAL B 145 22.94 5.95 20.31
C VAL B 145 24.39 6.10 19.93
N GLN B 146 25.26 6.09 20.93
CA GLN B 146 26.71 6.26 20.76
C GLN B 146 27.34 5.08 20.03
N ALA B 147 27.92 5.36 18.85
CA ALA B 147 28.60 4.33 18.04
C ALA B 147 29.87 4.87 17.37
N ASP B 148 31.03 4.50 17.91
CA ASP B 148 32.35 4.95 17.39
C ASP B 148 33.03 4.00 16.38
N LEU B 149 32.98 2.70 16.67
CA LEU B 149 33.52 1.71 15.78
C LEU B 149 32.65 0.47 15.74
N ILE B 150 32.35 0.01 14.54
CA ILE B 150 31.78 -1.31 14.36
C ILE B 150 32.88 -2.30 14.02
N ILE B 151 32.92 -3.44 14.68
CA ILE B 151 33.78 -4.50 14.23
C ILE B 151 32.96 -5.58 13.55
N TYR B 152 33.10 -5.68 12.24
CA TYR B 152 32.36 -6.64 11.45
C TYR B 152 33.15 -7.94 11.35
N LEU B 153 32.64 -8.99 12.01
CA LEU B 153 33.15 -10.33 11.91
C LEU B 153 32.60 -11.00 10.69
N ARG B 154 33.19 -10.70 9.53
CA ARG B 154 32.75 -11.23 8.26
C ARG B 154 32.90 -12.74 8.12
N THR B 155 31.93 -13.38 7.49
CA THR B 155 32.01 -14.77 7.16
C THR B 155 31.21 -15.12 5.90
N SER B 156 31.46 -16.29 5.35
CA SER B 156 30.61 -16.91 4.35
C SER B 156 29.54 -17.74 5.05
N PRO B 157 28.27 -17.64 4.61
CA PRO B 157 27.15 -18.37 5.15
C PRO B 157 27.48 -19.82 5.45
N GLU B 158 28.05 -20.51 4.45
CA GLU B 158 28.56 -21.88 4.58
C GLU B 158 29.19 -22.09 5.94
N VAL B 159 30.21 -21.30 6.24
CA VAL B 159 30.97 -21.39 7.48
C VAL B 159 30.08 -21.17 8.70
N ALA B 160 29.36 -20.06 8.72
CA ALA B 160 28.40 -19.75 9.78
C ALA B 160 27.50 -20.94 10.09
N TYR B 161 26.74 -21.39 9.09
CA TYR B 161 25.89 -22.60 9.18
C TYR B 161 26.50 -23.79 9.99
N GLU B 162 27.80 -24.05 9.79
CA GLU B 162 28.50 -25.16 10.46
C GLU B 162 28.61 -24.91 11.96
N ARG B 163 29.19 -23.77 12.33
CA ARG B 163 29.34 -23.41 13.74
C ARG B 163 28.04 -23.72 14.49
N ILE B 164 26.92 -23.49 13.82
CA ILE B 164 25.62 -23.83 14.36
C ILE B 164 25.35 -25.35 14.37
N ARG B 165 25.61 -26.03 13.26
CA ARG B 165 25.55 -27.50 13.24
C ARG B 165 26.48 -28.12 14.30
N GLN B 166 27.47 -27.34 14.77
CA GLN B 166 28.41 -27.77 15.83
C GLN B 166 27.92 -27.68 17.29
N ARG B 167 27.06 -26.71 17.58
CA ARG B 167 26.77 -26.31 18.96
C ARG B 167 25.42 -26.77 19.51
N CYS B 174 18.38 -24.62 15.20
CA CYS B 174 18.82 -24.82 13.82
C CYS B 174 17.97 -24.08 12.77
N VAL B 175 18.65 -23.15 12.09
CA VAL B 175 18.06 -22.33 11.05
C VAL B 175 18.71 -22.65 9.71
N PRO B 176 17.91 -22.59 8.61
CA PRO B 176 18.28 -22.90 7.22
C PRO B 176 19.48 -22.12 6.72
N LEU B 177 20.22 -22.69 5.78
CA LEU B 177 21.34 -21.97 5.17
C LEU B 177 20.89 -20.73 4.38
N LYS B 178 19.75 -20.84 3.70
CA LYS B 178 19.23 -19.74 2.91
C LYS B 178 19.02 -18.48 3.78
N TYR B 179 18.52 -18.70 4.99
CA TYR B 179 18.24 -17.65 5.95
C TYR B 179 19.51 -16.93 6.31
N LEU B 180 20.56 -17.70 6.60
CA LEU B 180 21.84 -17.13 6.97
C LEU B 180 22.43 -16.36 5.81
N GLN B 181 22.09 -16.80 4.60
CA GLN B 181 22.56 -16.18 3.36
C GLN B 181 21.96 -14.80 3.24
N GLU B 182 20.66 -14.71 3.54
CA GLU B 182 19.92 -13.44 3.50
C GLU B 182 20.41 -12.46 4.54
N LEU B 183 20.67 -12.99 5.73
CA LEU B 183 21.24 -12.17 6.78
C LEU B 183 22.62 -11.69 6.39
N HIS B 184 23.37 -12.56 5.71
CA HIS B 184 24.69 -12.20 5.24
C HIS B 184 24.59 -11.04 4.27
N GLU B 185 23.68 -11.14 3.29
CA GLU B 185 23.57 -10.12 2.26
C GLU B 185 23.22 -8.81 2.91
N LEU B 186 22.37 -8.85 3.92
CA LEU B 186 21.93 -7.62 4.56
C LEU B 186 23.04 -6.97 5.34
N HIS B 187 23.77 -7.77 6.11
CA HIS B 187 24.98 -7.32 6.81
C HIS B 187 26.01 -6.76 5.83
N GLU B 188 26.13 -7.39 4.67
CA GLU B 188 27.05 -6.93 3.64
C GLU B 188 26.68 -5.58 3.09
N ASP B 189 25.41 -5.44 2.68
CA ASP B 189 24.87 -4.19 2.16
C ASP B 189 25.11 -3.08 3.16
N TRP B 190 24.76 -3.34 4.41
CA TRP B 190 24.87 -2.36 5.46
C TRP B 190 26.31 -1.95 5.73
N LEU B 191 27.21 -2.93 5.82
CA LEU B 191 28.55 -2.67 6.38
C LEU B 191 29.69 -2.53 5.39
N ILE B 192 29.55 -3.14 4.22
CA ILE B 192 30.60 -3.00 3.21
C ILE B 192 30.23 -1.90 2.23
N HIS B 193 29.01 -2.01 1.69
CA HIS B 193 28.59 -1.08 0.63
C HIS B 193 27.99 0.19 1.26
N PRO B 197 23.23 2.76 5.80
CA PRO B 197 23.08 4.20 6.10
C PRO B 197 23.86 4.65 7.37
N GLN B 198 24.99 4.00 7.63
CA GLN B 198 25.72 4.12 8.90
C GLN B 198 27.18 4.53 8.70
N SER B 199 27.47 5.81 8.92
CA SER B 199 28.87 6.25 8.95
C SER B 199 29.47 6.58 10.36
N CYS B 200 30.61 5.91 10.59
CA CYS B 200 31.45 5.74 11.77
C CYS B 200 32.29 4.53 11.28
N LYS B 201 33.58 4.49 11.58
CA LYS B 201 34.46 3.51 10.93
C LYS B 201 34.12 2.02 11.17
N VAL B 202 34.29 1.21 10.12
CA VAL B 202 33.95 -0.21 10.15
C VAL B 202 35.19 -1.06 10.01
N LEU B 203 35.62 -1.68 11.08
CA LEU B 203 36.73 -2.61 11.00
C LEU B 203 36.28 -3.99 10.59
N VAL B 204 36.55 -4.36 9.34
CA VAL B 204 36.20 -5.70 8.84
C VAL B 204 37.21 -6.76 9.26
N LEU B 205 36.75 -7.76 9.99
CA LEU B 205 37.56 -8.94 10.34
C LEU B 205 37.12 -10.17 9.58
N ASP B 206 38.06 -11.08 9.38
CA ASP B 206 37.72 -12.35 8.78
C ASP B 206 37.45 -13.41 9.84
N ALA B 207 36.18 -13.77 10.00
CA ALA B 207 35.81 -14.72 11.03
C ALA B 207 35.70 -16.15 10.53
N ASP B 208 36.20 -16.40 9.31
CA ASP B 208 36.40 -17.76 8.80
C ASP B 208 37.65 -18.37 9.44
N THR C 12 1.07 14.53 -12.60
CA THR C 12 -0.35 14.42 -13.03
C THR C 12 -0.73 12.95 -13.28
N LYS C 13 0.13 12.20 -13.96
CA LYS C 13 -0.15 10.80 -14.34
C LYS C 13 -0.03 9.86 -13.17
N TYR C 14 -0.74 8.72 -13.23
CA TYR C 14 -0.64 7.74 -12.16
C TYR C 14 0.70 7.04 -12.20
N ALA C 15 1.26 6.83 -11.01
CA ALA C 15 2.60 6.24 -10.85
C ALA C 15 3.76 7.16 -11.30
N GLU C 16 3.46 8.42 -11.61
CA GLU C 16 4.52 9.40 -11.86
C GLU C 16 5.43 9.48 -10.65
N GLY C 17 6.72 9.73 -10.90
CA GLY C 17 7.73 9.89 -9.85
C GLY C 17 7.95 8.69 -8.93
N THR C 18 7.21 7.59 -9.12
CA THR C 18 7.29 6.47 -8.18
C THR C 18 8.11 5.30 -8.71
N GLN C 19 8.89 5.54 -9.76
CA GLN C 19 9.59 4.45 -10.47
C GLN C 19 11.11 4.63 -10.63
N PRO C 20 11.88 3.55 -10.41
CA PRO C 20 13.31 3.52 -10.60
C PRO C 20 13.70 3.51 -12.07
N PHE C 21 15.01 3.41 -12.34
CA PHE C 21 15.52 3.19 -13.69
C PHE C 21 14.89 1.92 -14.24
N THR C 22 14.38 1.99 -15.47
CA THR C 22 13.67 0.83 -15.99
C THR C 22 14.19 0.32 -17.33
N VAL C 23 14.53 -0.97 -17.35
CA VAL C 23 14.98 -1.64 -18.56
C VAL C 23 13.91 -2.62 -19.09
N LEU C 24 13.60 -2.48 -20.38
CA LEU C 24 12.63 -3.33 -21.05
C LEU C 24 13.31 -4.31 -21.99
N ILE C 25 13.20 -5.61 -21.70
CA ILE C 25 13.78 -6.61 -22.58
C ILE C 25 12.80 -6.95 -23.68
N GLU C 26 13.16 -6.66 -24.92
CA GLU C 26 12.24 -6.86 -26.02
C GLU C 26 12.86 -7.76 -27.07
N GLY C 27 12.02 -8.52 -27.77
CA GLY C 27 12.49 -9.40 -28.85
C GLY C 27 11.43 -10.32 -29.40
N ASN C 28 11.73 -11.03 -30.49
CA ASN C 28 10.74 -11.94 -31.05
C ASN C 28 10.41 -13.08 -30.09
N ILE C 29 9.41 -13.88 -30.43
CA ILE C 29 9.19 -15.13 -29.71
C ILE C 29 10.45 -15.94 -29.95
N GLY C 30 10.89 -16.64 -28.92
CA GLY C 30 12.03 -17.55 -29.04
C GLY C 30 13.25 -16.80 -29.52
N SER C 31 13.63 -15.76 -28.80
CA SER C 31 14.90 -15.10 -29.06
C SER C 31 15.78 -15.14 -27.79
N GLY C 32 15.55 -16.11 -26.92
CA GLY C 32 16.34 -16.25 -25.70
C GLY C 32 16.02 -15.28 -24.57
N LYS C 33 14.88 -14.61 -24.66
CA LYS C 33 14.47 -13.64 -23.63
C LYS C 33 14.45 -14.27 -22.25
N THR C 34 13.81 -15.44 -22.12
CA THR C 34 13.64 -16.10 -20.83
C THR C 34 14.97 -16.53 -20.26
N THR C 35 15.79 -17.17 -21.11
CA THR C 35 17.17 -17.47 -20.76
C THR C 35 17.89 -16.21 -20.26
N TYR C 36 18.05 -15.24 -21.15
CA TYR C 36 18.77 -14.02 -20.81
C TYR C 36 18.34 -13.41 -19.46
N LEU C 37 17.07 -13.58 -19.08
CA LEU C 37 16.57 -12.99 -17.84
C LEU C 37 16.96 -13.78 -16.60
N ASN C 38 17.05 -15.09 -16.75
CA ASN C 38 17.53 -15.97 -15.68
C ASN C 38 18.92 -15.59 -15.14
N HIS C 39 19.76 -15.03 -16.00
CA HIS C 39 21.06 -14.52 -15.59
C HIS C 39 20.93 -13.37 -14.57
N PHE C 40 19.83 -12.61 -14.64
CA PHE C 40 19.57 -11.55 -13.67
C PHE C 40 18.92 -12.11 -12.42
N GLU C 41 18.35 -13.31 -12.54
CA GLU C 41 17.63 -13.97 -11.45
C GLU C 41 18.39 -14.06 -10.10
N LYS C 42 19.71 -14.01 -10.14
CA LYS C 42 20.49 -14.11 -8.89
C LYS C 42 20.68 -12.76 -8.17
N TYR C 43 20.06 -11.70 -8.69
CA TYR C 43 20.09 -10.42 -8.01
C TYR C 43 18.69 -10.03 -7.60
N LYS C 44 17.84 -11.04 -7.50
CA LYS C 44 16.47 -10.89 -7.02
C LYS C 44 16.33 -9.79 -5.97
N ASN C 45 17.35 -9.64 -5.13
CA ASN C 45 17.32 -8.74 -3.98
C ASN C 45 17.58 -7.25 -4.25
N ASP C 46 18.13 -6.93 -5.41
CA ASP C 46 18.50 -5.54 -5.72
C ASP C 46 17.81 -5.14 -7.00
N ILE C 47 17.29 -6.15 -7.68
CA ILE C 47 16.61 -5.97 -8.97
C ILE C 47 15.15 -6.38 -8.85
N CYS C 48 14.27 -5.53 -9.38
CA CYS C 48 12.87 -5.86 -9.55
C CYS C 48 12.74 -6.58 -10.89
N LEU C 49 12.67 -7.90 -10.83
CA LEU C 49 12.75 -8.72 -12.02
C LEU C 49 11.37 -9.24 -12.37
N LEU C 50 10.73 -8.58 -13.33
CA LEU C 50 9.36 -8.89 -13.72
C LEU C 50 9.24 -9.52 -15.09
N THR C 51 8.93 -10.81 -15.11
CA THR C 51 8.89 -11.60 -16.35
C THR C 51 7.50 -11.61 -16.94
N GLU C 52 7.41 -11.56 -18.28
CA GLU C 52 6.18 -11.78 -18.99
C GLU C 52 5.24 -12.60 -18.16
N PRO C 53 4.11 -11.99 -17.71
CA PRO C 53 3.15 -12.69 -16.85
C PRO C 53 2.22 -13.64 -17.61
N VAL C 54 2.81 -14.54 -18.41
CA VAL C 54 2.03 -15.54 -19.12
C VAL C 54 1.16 -16.37 -18.17
N GLU C 55 1.65 -16.61 -16.95
CA GLU C 55 0.86 -17.30 -15.94
C GLU C 55 -0.53 -16.66 -15.85
N LYS C 56 -0.55 -15.35 -15.60
CA LYS C 56 -1.79 -14.59 -15.50
C LYS C 56 -2.70 -14.72 -16.74
N TRP C 57 -2.10 -14.74 -17.94
CA TRP C 57 -2.91 -14.80 -19.16
C TRP C 57 -3.50 -16.20 -19.33
N ARG C 58 -2.91 -17.17 -18.63
CA ARG C 58 -3.32 -18.55 -18.77
C ARG C 58 -4.42 -18.83 -17.78
N ASN C 59 -4.52 -17.95 -16.78
CA ASN C 59 -5.51 -18.11 -15.72
C ASN C 59 -6.07 -16.76 -15.26
N VAL C 60 -7.18 -16.38 -15.87
CA VAL C 60 -7.83 -15.16 -15.50
C VAL C 60 -9.00 -15.62 -14.70
N ASN C 61 -8.74 -15.75 -13.40
CA ASN C 61 -9.68 -16.37 -12.48
C ASN C 61 -10.34 -17.58 -13.10
N GLY C 62 -9.52 -18.59 -13.36
CA GLY C 62 -9.98 -19.85 -13.89
C GLY C 62 -9.87 -19.97 -15.38
N VAL C 63 -10.26 -18.90 -16.09
CA VAL C 63 -10.28 -18.92 -17.55
C VAL C 63 -8.90 -18.77 -18.18
N ASN C 64 -8.60 -19.62 -19.14
CA ASN C 64 -7.34 -19.54 -19.87
C ASN C 64 -7.49 -18.75 -21.18
N LEU C 65 -7.24 -17.43 -21.09
CA LEU C 65 -7.39 -16.53 -22.23
C LEU C 65 -6.45 -16.83 -23.38
N LEU C 66 -5.22 -17.23 -23.05
CA LEU C 66 -4.19 -17.48 -24.04
C LEU C 66 -4.62 -18.62 -24.96
N GLU C 67 -5.17 -19.68 -24.36
CA GLU C 67 -5.72 -20.83 -25.09
C GLU C 67 -6.76 -20.36 -26.10
N LEU C 68 -7.85 -19.82 -25.56
CA LEU C 68 -8.97 -19.35 -26.34
C LEU C 68 -8.52 -18.46 -27.48
N MET C 69 -7.57 -17.58 -27.19
CA MET C 69 -7.02 -16.67 -28.18
C MET C 69 -6.54 -17.45 -29.41
N TYR C 70 -5.64 -18.41 -29.19
CA TYR C 70 -5.10 -19.23 -30.30
C TYR C 70 -6.19 -20.08 -30.97
N LYS C 71 -6.93 -20.81 -30.13
CA LYS C 71 -8.07 -21.65 -30.51
C LYS C 71 -9.12 -20.93 -31.38
N ASP C 72 -9.55 -19.75 -30.94
CA ASP C 72 -10.55 -18.95 -31.66
C ASP C 72 -10.17 -17.47 -31.69
N PRO C 73 -9.29 -17.08 -32.63
CA PRO C 73 -8.70 -15.74 -32.69
C PRO C 73 -9.71 -14.64 -32.92
N LYS C 74 -10.52 -14.74 -33.97
CA LYS C 74 -11.43 -13.64 -34.33
C LYS C 74 -12.35 -13.24 -33.16
N LYS C 75 -12.57 -14.19 -32.25
CA LYS C 75 -13.44 -13.96 -31.09
C LYS C 75 -12.68 -13.42 -29.89
N TRP C 76 -11.57 -14.08 -29.57
CA TRP C 76 -10.89 -13.86 -28.29
C TRP C 76 -9.65 -12.93 -28.32
N ALA C 77 -9.22 -12.55 -29.52
CA ALA C 77 -8.07 -11.68 -29.64
C ALA C 77 -8.27 -10.43 -28.77
N MET C 78 -9.40 -9.76 -29.00
CA MET C 78 -9.74 -8.52 -28.30
C MET C 78 -9.59 -8.61 -26.78
N PRO C 79 -10.36 -9.51 -26.11
CA PRO C 79 -10.22 -9.53 -24.64
C PRO C 79 -8.81 -9.90 -24.17
N PHE C 80 -8.22 -10.94 -24.75
CA PHE C 80 -6.84 -11.29 -24.44
C PHE C 80 -5.89 -10.07 -24.47
N GLN C 81 -5.85 -9.37 -25.60
CA GLN C 81 -4.93 -8.28 -25.78
C GLN C 81 -5.24 -7.21 -24.75
N SER C 82 -6.53 -6.99 -24.55
CA SER C 82 -6.96 -6.05 -23.54
C SER C 82 -6.34 -6.50 -22.21
N TYR C 83 -6.41 -7.79 -21.93
CA TYR C 83 -5.91 -8.28 -20.66
C TYR C 83 -4.39 -8.16 -20.58
N VAL C 84 -3.72 -8.50 -21.68
CA VAL C 84 -2.28 -8.37 -21.72
C VAL C 84 -1.93 -6.90 -21.40
N THR C 85 -2.57 -5.97 -22.11
CA THR C 85 -2.32 -4.57 -21.88
C THR C 85 -2.41 -4.24 -20.38
N LEU C 86 -3.41 -4.81 -19.70
CA LEU C 86 -3.61 -4.55 -18.29
C LEU C 86 -2.45 -5.15 -17.51
N THR C 87 -2.12 -6.42 -17.77
CA THR C 87 -1.09 -7.07 -16.96
C THR C 87 0.22 -6.29 -17.08
N MET C 88 0.47 -5.76 -18.28
CA MET C 88 1.68 -4.98 -18.50
C MET C 88 1.64 -3.74 -17.63
N LEU C 89 0.49 -3.06 -17.60
CA LEU C 89 0.36 -1.82 -16.84
C LEU C 89 0.60 -2.09 -15.37
N GLN C 90 0.09 -3.21 -14.89
CA GLN C 90 0.25 -3.56 -13.50
C GLN C 90 1.76 -3.70 -13.24
N SER C 91 2.45 -4.39 -14.17
CA SER C 91 3.91 -4.50 -14.10
C SER C 91 4.52 -3.13 -14.15
N HIS C 92 4.32 -2.40 -15.24
CA HIS C 92 4.87 -1.05 -15.40
C HIS C 92 4.67 -0.13 -14.23
N THR C 93 3.63 -0.38 -13.43
CA THR C 93 3.20 0.62 -12.43
C THR C 93 3.37 0.12 -11.02
N ALA C 94 3.63 -1.18 -10.87
CA ALA C 94 3.91 -1.78 -9.57
C ALA C 94 4.91 -0.93 -8.77
N PRO C 95 4.71 -0.88 -7.43
CA PRO C 95 5.64 -0.08 -6.63
C PRO C 95 6.87 -0.93 -6.32
N THR C 96 8.00 -0.27 -6.06
CA THR C 96 9.19 -1.02 -5.62
C THR C 96 10.28 -0.14 -4.99
N ASN C 97 10.85 -0.69 -3.93
CA ASN C 97 11.96 -0.05 -3.24
C ASN C 97 13.29 -0.12 -4.04
N LYS C 98 13.40 -1.14 -4.90
CA LYS C 98 14.61 -1.43 -5.68
C LYS C 98 15.08 -0.26 -6.55
N LYS C 99 16.38 -0.21 -6.80
CA LYS C 99 17.00 0.90 -7.56
C LYS C 99 16.90 0.69 -9.07
N LEU C 100 16.72 -0.57 -9.48
CA LEU C 100 16.57 -0.93 -10.88
C LEU C 100 15.42 -1.91 -11.14
N LYS C 101 14.71 -1.70 -12.26
CA LYS C 101 13.55 -2.53 -12.61
C LYS C 101 13.69 -3.06 -14.01
N ILE C 102 13.52 -4.36 -14.16
CA ILE C 102 13.68 -5.02 -15.46
C ILE C 102 12.44 -5.83 -15.85
N MET C 103 11.82 -5.41 -16.96
CA MET C 103 10.64 -6.11 -17.51
C MET C 103 10.90 -6.86 -18.80
N GLU C 104 10.40 -8.07 -18.87
CA GLU C 104 10.38 -8.76 -20.12
C GLU C 104 9.17 -8.24 -20.90
N ARG C 105 9.42 -7.69 -22.08
CA ARG C 105 8.40 -7.02 -22.89
C ARG C 105 7.68 -5.88 -22.15
N SER C 106 6.68 -5.26 -22.77
CA SER C 106 6.05 -4.05 -22.22
C SER C 106 4.70 -3.72 -22.89
N ILE C 107 4.06 -2.63 -22.44
CA ILE C 107 2.87 -2.18 -23.12
C ILE C 107 3.14 -1.91 -24.59
N PHE C 108 4.33 -1.41 -24.90
CA PHE C 108 4.62 -0.98 -26.28
C PHE C 108 4.70 -2.15 -27.24
N SER C 109 5.18 -3.30 -26.79
CA SER C 109 5.33 -4.37 -27.74
C SER C 109 4.01 -5.07 -27.94
N ALA C 110 3.17 -4.99 -26.93
CA ALA C 110 1.79 -5.41 -27.07
C ALA C 110 1.08 -4.56 -28.12
N ARG C 111 1.24 -3.26 -28.01
CA ARG C 111 0.59 -2.35 -28.92
C ARG C 111 1.17 -2.39 -30.35
N TYR C 112 2.50 -2.38 -30.45
CA TYR C 112 3.16 -2.16 -31.75
C TYR C 112 3.46 -3.44 -32.49
N CYS C 113 3.61 -4.55 -31.78
CA CYS C 113 3.91 -5.79 -32.45
C CYS C 113 2.70 -6.68 -32.49
N PHE C 114 2.18 -7.05 -31.34
CA PHE C 114 1.09 -8.00 -31.34
C PHE C 114 -0.25 -7.47 -31.80
N VAL C 115 -0.76 -6.41 -31.19
CA VAL C 115 -2.05 -5.89 -31.67
C VAL C 115 -1.93 -5.58 -33.16
N GLU C 116 -0.92 -4.80 -33.53
CA GLU C 116 -0.71 -4.41 -34.92
C GLU C 116 -0.72 -5.62 -35.85
N ASN C 117 -0.05 -6.70 -35.47
CA ASN C 117 0.02 -7.84 -36.35
C ASN C 117 -1.38 -8.38 -36.51
N MET C 118 -2.08 -8.51 -35.38
CA MET C 118 -3.41 -9.13 -35.38
C MET C 118 -4.41 -8.31 -36.17
N ARG C 119 -4.17 -7.00 -36.24
CA ARG C 119 -4.94 -6.18 -37.13
C ARG C 119 -4.70 -6.64 -38.59
N ARG C 120 -3.44 -6.72 -39.01
CA ARG C 120 -3.12 -7.09 -40.39
C ARG C 120 -3.72 -8.43 -40.80
N ASN C 121 -3.41 -9.50 -40.08
CA ASN C 121 -3.99 -10.79 -40.42
C ASN C 121 -5.44 -10.91 -39.91
N GLY C 122 -6.09 -9.75 -39.74
CA GLY C 122 -7.52 -9.71 -39.43
C GLY C 122 -8.00 -10.59 -38.29
N SER C 123 -7.14 -10.78 -37.29
CA SER C 123 -7.61 -11.41 -36.06
C SER C 123 -8.44 -10.40 -35.26
N LEU C 124 -8.01 -9.13 -35.25
CA LEU C 124 -8.80 -8.05 -34.70
C LEU C 124 -9.45 -7.28 -35.84
N GLU C 125 -10.78 -7.21 -35.84
CA GLU C 125 -11.46 -6.40 -36.85
C GLU C 125 -11.30 -4.92 -36.56
N GLN C 126 -11.68 -4.10 -37.51
CA GLN C 126 -11.51 -2.67 -37.37
C GLN C 126 -12.03 -2.13 -36.02
N GLY C 127 -13.21 -2.59 -35.61
CA GLY C 127 -13.83 -2.14 -34.35
C GLY C 127 -13.06 -2.47 -33.08
N MET C 128 -12.56 -3.69 -33.01
CA MET C 128 -11.79 -4.13 -31.87
C MET C 128 -10.42 -3.44 -31.79
N TYR C 129 -9.72 -3.43 -32.91
CA TYR C 129 -8.48 -2.67 -33.01
C TYR C 129 -8.66 -1.24 -32.52
N ASN C 130 -9.64 -0.54 -33.06
CA ASN C 130 -9.81 0.87 -32.72
C ASN C 130 -10.08 1.09 -31.24
N THR C 131 -10.79 0.15 -30.61
CA THR C 131 -11.08 0.24 -29.17
C THR C 131 -9.77 0.16 -28.36
N LEU C 132 -8.95 -0.82 -28.68
CA LEU C 132 -7.66 -0.90 -28.02
C LEU C 132 -6.87 0.37 -28.29
N GLU C 133 -6.91 0.89 -29.51
CA GLU C 133 -6.09 2.05 -29.85
C GLU C 133 -6.48 3.27 -29.07
N GLU C 134 -7.78 3.50 -28.98
CA GLU C 134 -8.30 4.59 -28.16
C GLU C 134 -7.81 4.44 -26.72
N TRP C 135 -7.88 3.21 -26.21
CA TRP C 135 -7.38 2.87 -24.87
C TRP C 135 -5.89 3.16 -24.80
N TYR C 136 -5.11 2.65 -25.75
CA TYR C 136 -3.69 2.98 -25.73
C TYR C 136 -3.48 4.48 -25.66
N LYS C 137 -4.14 5.23 -26.55
CA LYS C 137 -4.06 6.68 -26.58
C LYS C 137 -4.42 7.28 -25.22
N PHE C 138 -5.51 6.82 -24.64
CA PHE C 138 -5.89 7.31 -23.33
C PHE C 138 -4.84 7.03 -22.28
N ILE C 139 -4.32 5.80 -22.30
CA ILE C 139 -3.40 5.32 -21.29
C ILE C 139 -2.15 6.19 -21.23
N GLU C 140 -1.61 6.53 -22.39
CA GLU C 140 -0.41 7.29 -22.35
C GLU C 140 -0.64 8.69 -21.83
N GLU C 141 -1.88 9.19 -21.94
CA GLU C 141 -2.28 10.47 -21.32
C GLU C 141 -2.35 10.35 -19.77
N SER C 142 -2.80 9.19 -19.27
CA SER C 142 -3.19 9.04 -17.86
C SER C 142 -2.22 8.29 -16.98
N ILE C 143 -1.59 7.24 -17.52
CA ILE C 143 -0.73 6.39 -16.71
C ILE C 143 0.73 6.57 -17.07
N HIS C 144 1.61 6.60 -16.07
CA HIS C 144 3.06 6.82 -16.29
C HIS C 144 3.84 5.55 -16.56
N VAL C 145 4.35 5.40 -17.77
CA VAL C 145 5.09 4.20 -18.16
C VAL C 145 6.60 4.47 -18.29
N GLN C 146 7.30 4.26 -17.18
CA GLN C 146 8.74 4.53 -17.10
C GLN C 146 9.53 3.59 -18.00
N ALA C 147 10.24 4.16 -18.96
CA ALA C 147 11.12 3.38 -19.84
C ALA C 147 12.44 4.09 -20.19
N ASP C 148 13.53 3.64 -19.57
CA ASP C 148 14.83 4.25 -19.76
C ASP C 148 15.71 3.56 -20.81
N LEU C 149 15.67 2.24 -20.87
CA LEU C 149 16.44 1.53 -21.87
C LEU C 149 15.74 0.28 -22.36
N ILE C 150 15.62 0.12 -23.67
CA ILE C 150 15.13 -1.13 -24.23
C ILE C 150 16.32 -1.97 -24.65
N ILE C 151 16.34 -3.23 -24.26
CA ILE C 151 17.34 -4.11 -24.80
C ILE C 151 16.68 -5.00 -25.85
N TYR C 152 16.97 -4.72 -27.11
CA TYR C 152 16.44 -5.50 -28.22
C TYR C 152 17.31 -6.72 -28.48
N LEU C 153 16.78 -7.92 -28.21
CA LEU C 153 17.43 -9.18 -28.54
C LEU C 153 17.07 -9.54 -29.97
N ARG C 154 17.81 -8.97 -30.91
CA ARG C 154 17.59 -9.16 -32.35
C ARG C 154 17.94 -10.54 -32.84
N THR C 155 17.17 -11.02 -33.80
CA THR C 155 17.36 -12.35 -34.37
C THR C 155 16.76 -12.42 -35.76
N SER C 156 17.16 -13.44 -36.50
CA SER C 156 16.50 -13.82 -37.74
C SER C 156 15.39 -14.84 -37.41
N PRO C 157 14.22 -14.67 -38.06
CA PRO C 157 13.05 -15.53 -37.86
C PRO C 157 13.44 -17.00 -37.83
N GLU C 158 14.16 -17.41 -38.89
CA GLU C 158 14.79 -18.73 -39.01
C GLU C 158 15.27 -19.27 -37.67
N VAL C 159 16.18 -18.53 -37.04
CA VAL C 159 16.74 -18.91 -35.74
C VAL C 159 15.67 -19.01 -34.65
N ALA C 160 14.90 -17.94 -34.48
CA ALA C 160 13.79 -17.97 -33.54
C ALA C 160 13.04 -19.29 -33.76
N TYR C 161 12.73 -19.56 -35.05
CA TYR C 161 12.07 -20.80 -35.48
C TYR C 161 12.86 -22.04 -35.05
N GLU C 162 14.16 -22.05 -35.35
CA GLU C 162 15.02 -23.16 -34.95
C GLU C 162 15.08 -23.27 -33.43
N ARG C 163 15.54 -22.21 -32.75
CA ARG C 163 15.57 -22.19 -31.28
C ARG C 163 14.28 -22.78 -30.71
N ILE C 164 13.19 -22.52 -31.43
CA ILE C 164 11.84 -22.91 -31.03
C ILE C 164 11.69 -24.43 -30.85
N ARG C 165 12.15 -25.23 -31.82
CA ARG C 165 11.99 -26.69 -31.72
C ARG C 165 12.67 -27.24 -30.46
N GLN C 166 13.91 -26.80 -30.21
CA GLN C 166 14.64 -27.09 -28.98
C GLN C 166 14.47 -25.95 -27.98
N PRO C 176 3.75 -20.87 -36.84
CA PRO C 176 4.33 -20.77 -38.19
C PRO C 176 5.55 -19.83 -38.30
N LEU C 177 6.43 -20.11 -39.25
CA LEU C 177 7.56 -19.22 -39.53
C LEU C 177 7.15 -17.82 -40.10
N LYS C 178 6.15 -17.80 -40.98
CA LYS C 178 5.62 -16.54 -41.51
C LYS C 178 5.22 -15.58 -40.38
N TYR C 179 4.55 -16.11 -39.35
CA TYR C 179 4.10 -15.35 -38.19
C TYR C 179 5.28 -14.70 -37.50
N LEU C 180 6.29 -15.50 -37.19
CA LEU C 180 7.52 -15.00 -36.59
C LEU C 180 8.19 -13.95 -37.48
N GLN C 181 8.01 -14.08 -38.79
CA GLN C 181 8.60 -13.15 -39.74
C GLN C 181 7.93 -11.78 -39.62
N GLU C 182 6.60 -11.80 -39.48
CA GLU C 182 5.79 -10.58 -39.38
C GLU C 182 6.11 -9.90 -38.05
N LEU C 183 6.21 -10.70 -37.00
CA LEU C 183 6.55 -10.18 -35.69
C LEU C 183 7.92 -9.55 -35.71
N HIS C 184 8.82 -10.19 -36.46
CA HIS C 184 10.15 -9.68 -36.67
C HIS C 184 10.14 -8.31 -37.35
N GLU C 185 9.40 -8.18 -38.45
CA GLU C 185 9.38 -6.93 -39.21
C GLU C 185 8.87 -5.84 -38.30
N LEU C 186 7.89 -6.18 -37.46
CA LEU C 186 7.24 -5.16 -36.63
C LEU C 186 8.18 -4.68 -35.56
N HIS C 187 8.83 -5.64 -34.89
CA HIS C 187 9.89 -5.33 -33.93
C HIS C 187 10.98 -4.50 -34.58
N GLU C 188 11.24 -4.77 -35.85
CA GLU C 188 12.26 -4.03 -36.60
C GLU C 188 11.85 -2.59 -36.85
N ASP C 189 10.67 -2.41 -37.42
CA ASP C 189 10.13 -1.07 -37.67
C ASP C 189 10.12 -0.22 -36.40
N TRP C 190 9.68 -0.82 -35.30
CA TRP C 190 9.56 -0.12 -34.04
C TRP C 190 10.92 0.21 -33.41
N LEU C 191 11.89 -0.69 -33.47
CA LEU C 191 13.10 -0.50 -32.68
C LEU C 191 14.36 -0.07 -33.43
N ILE C 192 14.47 -0.41 -34.72
CA ILE C 192 15.64 0.00 -35.51
C ILE C 192 15.29 1.29 -36.25
N HIS C 193 14.22 1.26 -37.04
CA HIS C 193 13.85 2.38 -37.92
C HIS C 193 13.05 3.43 -37.16
N ARG C 196 7.78 3.56 -34.57
CA ARG C 196 6.73 4.04 -33.70
C ARG C 196 7.27 4.82 -32.49
N PRO C 197 6.77 6.08 -32.28
CA PRO C 197 7.34 7.12 -31.39
C PRO C 197 7.97 6.66 -30.08
N GLN C 198 9.16 7.18 -29.85
CA GLN C 198 9.94 7.04 -28.60
C GLN C 198 11.24 7.78 -28.80
N SER C 199 11.95 8.04 -27.71
CA SER C 199 13.27 8.68 -27.80
C SER C 199 14.32 7.92 -26.97
N CYS C 200 13.85 6.98 -26.13
CA CYS C 200 14.70 6.32 -25.12
C CYS C 200 15.63 5.32 -25.81
N LYS C 201 16.88 5.25 -25.33
CA LYS C 201 17.93 4.53 -26.05
C LYS C 201 17.65 3.02 -26.22
N VAL C 202 18.03 2.49 -27.38
CA VAL C 202 17.78 1.09 -27.73
C VAL C 202 19.07 0.31 -27.89
N LEU C 203 19.36 -0.55 -26.93
CA LEU C 203 20.55 -1.36 -27.05
C LEU C 203 20.22 -2.60 -27.86
N VAL C 204 20.72 -2.65 -29.09
CA VAL C 204 20.57 -3.84 -29.92
C VAL C 204 21.60 -4.95 -29.61
N LEU C 205 21.13 -6.12 -29.25
CA LEU C 205 21.98 -7.29 -29.07
C LEU C 205 21.74 -8.29 -30.19
N ASP C 206 22.74 -9.11 -30.45
CA ASP C 206 22.54 -10.21 -31.37
C ASP C 206 22.24 -11.54 -30.65
N ALA C 207 20.98 -11.94 -30.69
CA ALA C 207 20.55 -13.15 -29.98
C ALA C 207 20.63 -14.42 -30.84
N ASP C 208 21.30 -14.32 -32.00
CA ASP C 208 21.69 -15.50 -32.80
C ASP C 208 22.88 -16.17 -32.13
N THR D 12 -2.00 10.82 -5.77
CA THR D 12 -1.43 9.58 -6.38
C THR D 12 -2.17 9.19 -7.64
N LYS D 13 -3.51 9.24 -7.59
CA LYS D 13 -4.36 8.88 -8.75
C LYS D 13 -4.39 9.95 -9.85
N TYR D 14 -4.65 9.53 -11.09
CA TYR D 14 -4.70 10.48 -12.19
C TYR D 14 -5.93 11.33 -12.08
N ALA D 15 -5.78 12.63 -12.36
CA ALA D 15 -6.88 13.60 -12.24
C ALA D 15 -7.35 13.88 -10.79
N GLU D 16 -6.59 13.40 -9.80
CA GLU D 16 -6.83 13.77 -8.40
C GLU D 16 -6.70 15.29 -8.26
N GLY D 17 -7.50 15.86 -7.36
CA GLY D 17 -7.47 17.30 -7.09
C GLY D 17 -7.80 18.24 -8.26
N THR D 18 -8.08 17.69 -9.43
CA THR D 18 -8.31 18.54 -10.61
C THR D 18 -9.78 18.67 -11.03
N GLN D 19 -10.71 18.32 -10.12
CA GLN D 19 -12.14 18.19 -10.43
C GLN D 19 -13.11 18.92 -9.48
N PRO D 20 -14.06 19.70 -10.05
CA PRO D 20 -15.08 20.42 -9.29
C PRO D 20 -16.12 19.46 -8.66
N PHE D 21 -17.13 20.04 -8.00
CA PHE D 21 -18.27 19.29 -7.53
C PHE D 21 -18.90 18.58 -8.72
N THR D 22 -19.14 17.27 -8.56
CA THR D 22 -19.67 16.47 -9.69
C THR D 22 -20.97 15.69 -9.41
N VAL D 23 -21.95 15.97 -10.25
CA VAL D 23 -23.26 15.32 -10.17
C VAL D 23 -23.41 14.31 -11.32
N LEU D 24 -23.80 13.10 -10.95
CA LEU D 24 -24.05 12.05 -11.92
C LEU D 24 -25.56 11.77 -12.12
N ILE D 25 -26.10 12.11 -13.28
CA ILE D 25 -27.47 11.76 -13.56
C ILE D 25 -27.60 10.31 -13.97
N GLU D 26 -28.30 9.51 -13.18
CA GLU D 26 -28.43 8.08 -13.46
C GLU D 26 -29.89 7.65 -13.59
N GLY D 27 -30.15 6.64 -14.41
CA GLY D 27 -31.47 6.07 -14.58
C GLY D 27 -31.52 4.98 -15.64
N ASN D 28 -32.67 4.30 -15.75
CA ASN D 28 -32.88 3.33 -16.84
C ASN D 28 -32.88 4.02 -18.21
N ILE D 29 -32.91 3.22 -19.26
CA ILE D 29 -33.08 3.76 -20.60
C ILE D 29 -34.47 4.35 -20.65
N GLY D 30 -34.64 5.43 -21.38
CA GLY D 30 -35.93 6.09 -21.50
C GLY D 30 -36.52 6.44 -20.15
N SER D 31 -35.78 7.18 -19.34
CA SER D 31 -36.30 7.69 -18.07
C SER D 31 -36.20 9.21 -18.04
N GLY D 32 -36.21 9.80 -19.23
CA GLY D 32 -36.21 11.25 -19.38
C GLY D 32 -34.89 11.94 -19.07
N LYS D 33 -33.82 11.14 -18.94
CA LYS D 33 -32.46 11.66 -18.71
C LYS D 33 -32.09 12.79 -19.66
N THR D 34 -32.25 12.55 -20.96
CA THR D 34 -31.91 13.52 -21.99
C THR D 34 -32.72 14.80 -21.87
N THR D 35 -34.04 14.65 -21.69
CA THR D 35 -34.92 15.79 -21.41
C THR D 35 -34.41 16.55 -20.18
N TYR D 36 -34.40 15.88 -19.03
CA TYR D 36 -34.00 16.51 -17.78
C TYR D 36 -32.71 17.35 -17.90
N LEU D 37 -31.76 16.85 -18.69
CA LEU D 37 -30.47 17.52 -18.87
C LEU D 37 -30.57 18.80 -19.67
N ASN D 38 -31.44 18.80 -20.69
CA ASN D 38 -31.65 19.98 -21.54
C ASN D 38 -32.03 21.19 -20.71
N HIS D 39 -32.61 20.94 -19.54
CA HIS D 39 -32.98 22.04 -18.64
C HIS D 39 -31.76 22.76 -18.13
N PHE D 40 -30.64 22.03 -18.01
CA PHE D 40 -29.36 22.60 -17.57
C PHE D 40 -28.63 23.27 -18.74
N GLU D 41 -29.03 22.90 -19.95
CA GLU D 41 -28.37 23.32 -21.20
C GLU D 41 -28.19 24.83 -21.32
N LYS D 42 -28.99 25.60 -20.61
CA LYS D 42 -28.91 27.06 -20.68
C LYS D 42 -27.96 27.67 -19.67
N TYR D 43 -27.20 26.83 -18.98
CA TYR D 43 -26.12 27.34 -18.15
C TYR D 43 -24.80 26.77 -18.64
N LYS D 44 -24.80 26.38 -19.92
CA LYS D 44 -23.60 25.93 -20.60
C LYS D 44 -22.33 26.62 -20.06
N ASN D 45 -22.48 27.90 -19.70
CA ASN D 45 -21.36 28.77 -19.38
C ASN D 45 -20.85 28.66 -17.97
N ASP D 46 -21.60 28.04 -17.08
CA ASP D 46 -21.15 27.91 -15.68
C ASP D 46 -21.18 26.47 -15.24
N ILE D 47 -21.71 25.63 -16.12
CA ILE D 47 -21.80 24.19 -15.91
C ILE D 47 -21.06 23.44 -17.02
N CYS D 48 -20.26 22.47 -16.60
CA CYS D 48 -19.70 21.53 -17.55
C CYS D 48 -20.73 20.44 -17.75
N LEU D 49 -21.40 20.52 -18.90
CA LEU D 49 -22.55 19.65 -19.18
C LEU D 49 -22.17 18.53 -20.16
N LEU D 50 -21.88 17.37 -19.60
CA LEU D 50 -21.40 16.22 -20.37
C LEU D 50 -22.42 15.09 -20.49
N THR D 51 -23.01 15.00 -21.67
CA THR D 51 -24.04 14.02 -21.95
C THR D 51 -23.44 12.70 -22.42
N GLU D 52 -24.04 11.57 -22.02
CA GLU D 52 -23.75 10.25 -22.63
C GLU D 52 -23.18 10.38 -24.04
N PRO D 53 -21.88 10.05 -24.23
CA PRO D 53 -21.24 10.21 -25.52
C PRO D 53 -21.61 9.10 -26.53
N VAL D 54 -22.90 8.80 -26.66
CA VAL D 54 -23.38 7.86 -27.67
C VAL D 54 -22.83 8.18 -29.08
N GLU D 55 -22.64 9.47 -29.40
CA GLU D 55 -22.01 9.83 -30.65
C GLU D 55 -20.74 9.00 -30.84
N LYS D 56 -19.84 9.10 -29.85
CA LYS D 56 -18.58 8.37 -29.85
C LYS D 56 -18.75 6.86 -30.01
N TRP D 57 -19.75 6.28 -29.36
CA TRP D 57 -19.94 4.84 -29.44
C TRP D 57 -20.50 4.40 -30.77
N ARG D 58 -21.03 5.36 -31.51
CA ARG D 58 -21.59 5.09 -32.84
C ARG D 58 -20.55 5.20 -33.92
N ASN D 59 -19.45 5.89 -33.57
CA ASN D 59 -18.34 6.08 -34.47
C ASN D 59 -17.06 6.05 -33.70
N VAL D 60 -16.39 4.91 -33.81
CA VAL D 60 -15.06 4.78 -33.26
C VAL D 60 -14.18 4.74 -34.48
N ASN D 61 -13.75 5.93 -34.89
CA ASN D 61 -13.00 6.12 -36.14
C ASN D 61 -13.57 5.29 -37.25
N GLY D 62 -14.85 5.57 -37.50
CA GLY D 62 -15.57 5.00 -38.63
C GLY D 62 -16.50 3.93 -38.17
N VAL D 63 -15.99 3.07 -37.30
CA VAL D 63 -16.75 1.89 -36.91
C VAL D 63 -17.86 2.23 -35.92
N ASN D 64 -19.05 1.69 -36.16
CA ASN D 64 -20.17 1.87 -35.25
C ASN D 64 -20.32 0.69 -34.27
N LEU D 65 -19.67 0.84 -33.12
CA LEU D 65 -19.62 -0.20 -32.11
C LEU D 65 -20.99 -0.57 -31.58
N LEU D 66 -21.81 0.46 -31.34
CA LEU D 66 -23.14 0.29 -30.76
C LEU D 66 -24.02 -0.62 -31.60
N GLU D 67 -24.02 -0.38 -32.92
CA GLU D 67 -24.70 -1.26 -33.88
C GLU D 67 -24.27 -2.71 -33.67
N LEU D 68 -22.97 -2.94 -33.90
CA LEU D 68 -22.40 -4.28 -33.87
C LEU D 68 -22.78 -4.96 -32.56
N MET D 69 -22.77 -4.19 -31.49
CA MET D 69 -23.02 -4.72 -30.17
C MET D 69 -24.40 -5.39 -30.15
N TYR D 70 -25.42 -4.63 -30.54
CA TYR D 70 -26.80 -5.16 -30.63
C TYR D 70 -26.93 -6.27 -31.68
N LYS D 71 -26.49 -5.98 -32.91
CA LYS D 71 -26.44 -6.94 -34.03
C LYS D 71 -25.84 -8.29 -33.64
N ASP D 72 -24.63 -8.28 -33.05
CA ASP D 72 -23.89 -9.51 -32.68
C ASP D 72 -23.29 -9.38 -31.29
N PRO D 73 -24.11 -9.62 -30.25
CA PRO D 73 -23.73 -9.41 -28.84
C PRO D 73 -22.59 -10.29 -28.36
N LYS D 74 -22.68 -11.60 -28.55
CA LYS D 74 -21.66 -12.48 -27.96
C LYS D 74 -20.26 -12.14 -28.45
N LYS D 75 -20.19 -11.49 -29.62
CA LYS D 75 -18.91 -11.09 -30.20
C LYS D 75 -18.46 -9.69 -29.79
N TRP D 76 -19.37 -8.72 -29.89
CA TRP D 76 -19.02 -7.29 -29.76
C TRP D 76 -19.32 -6.58 -28.43
N ALA D 77 -19.98 -7.28 -27.50
CA ALA D 77 -20.23 -6.76 -26.15
C ALA D 77 -18.93 -6.28 -25.48
N MET D 78 -17.97 -7.21 -25.35
CA MET D 78 -16.67 -6.93 -24.79
C MET D 78 -16.03 -5.62 -25.27
N PRO D 79 -15.70 -5.49 -26.58
CA PRO D 79 -15.05 -4.24 -26.98
C PRO D 79 -15.93 -3.03 -26.77
N PHE D 80 -17.22 -3.15 -27.05
CA PHE D 80 -18.12 -2.04 -26.86
C PHE D 80 -18.06 -1.54 -25.40
N GLN D 81 -18.24 -2.46 -24.46
CA GLN D 81 -18.26 -2.08 -23.07
C GLN D 81 -16.94 -1.50 -22.64
N SER D 82 -15.87 -2.10 -23.16
CA SER D 82 -14.54 -1.59 -22.94
C SER D 82 -14.48 -0.15 -23.42
N TYR D 83 -15.01 0.10 -24.63
CA TYR D 83 -15.00 1.44 -25.16
C TYR D 83 -15.83 2.42 -24.36
N VAL D 84 -17.00 1.98 -23.89
CA VAL D 84 -17.84 2.83 -23.06
C VAL D 84 -17.08 3.23 -21.80
N THR D 85 -16.50 2.23 -21.14
CA THR D 85 -15.70 2.49 -19.97
C THR D 85 -14.67 3.61 -20.23
N LEU D 86 -13.99 3.50 -21.36
CA LEU D 86 -13.05 4.51 -21.75
C LEU D 86 -13.74 5.83 -21.89
N THR D 87 -14.77 5.91 -22.73
CA THR D 87 -15.41 7.22 -22.98
C THR D 87 -15.89 7.89 -21.68
N MET D 88 -16.37 7.07 -20.76
CA MET D 88 -16.73 7.58 -19.45
C MET D 88 -15.50 8.19 -18.79
N LEU D 89 -14.40 7.44 -18.79
CA LEU D 89 -13.20 7.91 -18.07
C LEU D 89 -12.75 9.25 -18.63
N GLN D 90 -12.77 9.33 -19.95
CA GLN D 90 -12.48 10.60 -20.60
C GLN D 90 -13.37 11.71 -20.06
N SER D 91 -14.68 11.43 -19.99
CA SER D 91 -15.62 12.34 -19.39
C SER D 91 -15.21 12.60 -17.93
N HIS D 92 -15.17 11.56 -17.11
CA HIS D 92 -14.86 11.70 -15.68
C HIS D 92 -13.62 12.50 -15.38
N THR D 93 -12.68 12.51 -16.31
CA THR D 93 -11.35 13.04 -16.02
C THR D 93 -11.04 14.29 -16.78
N ALA D 94 -11.89 14.65 -17.75
CA ALA D 94 -11.71 15.87 -18.54
C ALA D 94 -11.44 17.07 -17.63
N PRO D 95 -10.60 18.00 -18.11
CA PRO D 95 -10.32 19.12 -17.25
C PRO D 95 -11.45 20.15 -17.43
N THR D 96 -11.61 21.04 -16.46
CA THR D 96 -12.57 22.14 -16.60
C THR D 96 -12.45 23.25 -15.54
N ASN D 97 -12.51 24.48 -16.04
CA ASN D 97 -12.51 25.65 -15.18
C ASN D 97 -13.82 25.82 -14.36
N LYS D 98 -14.93 25.23 -14.84
CA LYS D 98 -16.28 25.39 -14.26
C LYS D 98 -16.37 24.89 -12.82
N LYS D 99 -17.24 25.52 -12.04
CA LYS D 99 -17.39 25.21 -10.60
C LYS D 99 -18.20 23.93 -10.38
N LEU D 100 -19.01 23.56 -11.38
CA LEU D 100 -19.87 22.38 -11.31
C LEU D 100 -19.82 21.53 -12.57
N LYS D 101 -19.81 20.22 -12.38
CA LYS D 101 -19.80 19.28 -13.48
C LYS D 101 -20.95 18.27 -13.41
N ILE D 102 -21.65 18.11 -14.53
CA ILE D 102 -22.79 17.21 -14.56
C ILE D 102 -22.66 16.21 -15.71
N MET D 103 -22.61 14.94 -15.34
CA MET D 103 -22.53 13.85 -16.28
C MET D 103 -23.80 13.03 -16.35
N GLU D 104 -24.26 12.77 -17.57
CA GLU D 104 -25.25 11.74 -17.82
C GLU D 104 -24.57 10.36 -17.70
N ARG D 105 -25.07 9.54 -16.77
CA ARG D 105 -24.47 8.25 -16.42
C ARG D 105 -22.98 8.35 -16.05
N SER D 106 -22.31 7.21 -15.91
CA SER D 106 -20.95 7.16 -15.38
C SER D 106 -20.25 5.80 -15.55
N ILE D 107 -18.98 5.72 -15.18
CA ILE D 107 -18.30 4.41 -15.14
C ILE D 107 -19.09 3.39 -14.30
N PHE D 108 -19.75 3.86 -13.24
CA PHE D 108 -20.34 2.92 -12.29
C PHE D 108 -21.57 2.23 -12.89
N SER D 109 -22.31 2.96 -13.73
CA SER D 109 -23.54 2.37 -14.24
C SER D 109 -23.18 1.41 -15.36
N ALA D 110 -22.12 1.75 -16.08
CA ALA D 110 -21.52 0.80 -17.03
C ALA D 110 -21.11 -0.49 -16.30
N ARG D 111 -20.45 -0.35 -15.19
CA ARG D 111 -19.98 -1.55 -14.53
C ARG D 111 -21.10 -2.33 -13.84
N TYR D 112 -21.94 -1.61 -13.08
CA TYR D 112 -22.93 -2.24 -12.22
C TYR D 112 -24.25 -2.56 -12.90
N CYS D 113 -24.61 -1.80 -13.92
CA CYS D 113 -25.83 -2.14 -14.60
C CYS D 113 -25.56 -2.91 -15.89
N PHE D 114 -24.97 -2.24 -16.89
CA PHE D 114 -24.81 -2.87 -18.18
C PHE D 114 -23.87 -4.07 -18.23
N VAL D 115 -22.61 -3.93 -17.81
CA VAL D 115 -21.72 -5.11 -17.83
C VAL D 115 -22.38 -6.24 -17.07
N GLU D 116 -22.82 -5.97 -15.85
CA GLU D 116 -23.42 -7.00 -14.99
C GLU D 116 -24.62 -7.71 -15.62
N ASN D 117 -25.50 -6.94 -16.27
CA ASN D 117 -26.62 -7.57 -16.96
C ASN D 117 -26.11 -8.47 -18.06
N MET D 118 -25.21 -7.96 -18.88
CA MET D 118 -24.67 -8.73 -20.01
C MET D 118 -23.96 -10.01 -19.57
N ARG D 119 -23.40 -9.97 -18.38
CA ARG D 119 -22.89 -11.18 -17.81
C ARG D 119 -24.04 -12.19 -17.62
N ARG D 120 -25.10 -11.78 -16.92
CA ARG D 120 -26.25 -12.66 -16.65
C ARG D 120 -26.86 -13.28 -17.92
N ASN D 121 -27.31 -12.46 -18.87
CA ASN D 121 -27.84 -13.00 -20.11
C ASN D 121 -26.73 -13.48 -21.07
N GLY D 122 -25.59 -13.87 -20.47
CA GLY D 122 -24.46 -14.44 -21.20
C GLY D 122 -24.06 -13.77 -22.50
N SER D 123 -24.22 -12.45 -22.58
CA SER D 123 -23.66 -11.68 -23.69
C SER D 123 -22.15 -11.63 -23.54
N LEU D 124 -21.69 -11.42 -22.30
CA LEU D 124 -20.27 -11.48 -21.98
C LEU D 124 -19.99 -12.81 -21.33
N GLU D 125 -19.15 -13.63 -21.94
CA GLU D 125 -18.78 -14.88 -21.29
C GLU D 125 -17.89 -14.63 -20.06
N GLN D 126 -17.65 -15.68 -19.26
CA GLN D 126 -16.82 -15.56 -18.07
C GLN D 126 -15.46 -14.83 -18.33
N GLY D 127 -14.74 -15.26 -19.37
CA GLY D 127 -13.47 -14.66 -19.80
C GLY D 127 -13.51 -13.16 -20.08
N MET D 128 -14.51 -12.71 -20.83
CA MET D 128 -14.68 -11.29 -21.13
C MET D 128 -15.08 -10.44 -19.91
N TYR D 129 -16.05 -10.94 -19.17
CA TYR D 129 -16.47 -10.26 -17.96
C TYR D 129 -15.28 -10.04 -17.02
N ASN D 130 -14.54 -11.11 -16.76
CA ASN D 130 -13.43 -11.03 -15.83
C ASN D 130 -12.37 -10.01 -16.26
N THR D 131 -12.17 -9.89 -17.57
CA THR D 131 -11.20 -8.93 -18.09
C THR D 131 -11.63 -7.52 -17.72
N LEU D 132 -12.90 -7.21 -17.99
CA LEU D 132 -13.42 -5.91 -17.70
C LEU D 132 -13.32 -5.70 -16.20
N GLU D 133 -13.53 -6.76 -15.43
CA GLU D 133 -13.64 -6.54 -14.00
C GLU D 133 -12.29 -6.19 -13.43
N GLU D 134 -11.29 -6.98 -13.85
CA GLU D 134 -9.89 -6.68 -13.48
C GLU D 134 -9.54 -5.22 -13.84
N TRP D 135 -9.90 -4.84 -15.07
CA TRP D 135 -9.75 -3.48 -15.50
C TRP D 135 -10.48 -2.54 -14.59
N TYR D 136 -11.71 -2.86 -14.19
CA TYR D 136 -12.46 -1.91 -13.34
C TYR D 136 -11.67 -1.78 -12.05
N LYS D 137 -11.24 -2.94 -11.52
CA LYS D 137 -10.51 -2.99 -10.25
C LYS D 137 -9.25 -2.14 -10.31
N PHE D 138 -8.50 -2.31 -11.40
CA PHE D 138 -7.32 -1.49 -11.64
C PHE D 138 -7.62 0.01 -11.75
N ILE D 139 -8.73 0.34 -12.40
CA ILE D 139 -9.01 1.71 -12.68
C ILE D 139 -9.26 2.45 -11.40
N GLU D 140 -9.94 1.82 -10.46
CA GLU D 140 -10.30 2.52 -9.26
C GLU D 140 -9.08 2.79 -8.40
N GLU D 141 -8.09 1.90 -8.53
CA GLU D 141 -6.76 2.10 -7.91
C GLU D 141 -5.99 3.27 -8.53
N SER D 142 -6.13 3.46 -9.84
CA SER D 142 -5.27 4.37 -10.60
C SER D 142 -5.84 5.71 -11.03
N ILE D 143 -7.12 5.74 -11.38
CA ILE D 143 -7.75 6.95 -11.94
C ILE D 143 -8.77 7.49 -10.96
N HIS D 144 -8.81 8.82 -10.85
CA HIS D 144 -9.68 9.50 -9.87
C HIS D 144 -11.05 9.82 -10.45
N VAL D 145 -12.08 9.17 -9.91
CA VAL D 145 -13.43 9.38 -10.41
C VAL D 145 -14.26 10.18 -9.40
N GLN D 146 -14.30 11.49 -9.62
CA GLN D 146 -14.99 12.40 -8.71
C GLN D 146 -16.52 12.21 -8.78
N ALA D 147 -17.13 11.80 -7.67
CA ALA D 147 -18.58 11.66 -7.61
C ALA D 147 -19.21 12.14 -6.27
N ASP D 148 -19.84 13.32 -6.30
CA ASP D 148 -20.40 13.92 -5.11
C ASP D 148 -21.87 13.58 -4.87
N LEU D 149 -22.65 13.62 -5.95
CA LEU D 149 -24.07 13.36 -5.85
C LEU D 149 -24.55 12.63 -7.11
N ILE D 150 -25.23 11.51 -6.89
CA ILE D 150 -25.97 10.88 -7.96
C ILE D 150 -27.44 11.28 -7.87
N ILE D 151 -28.00 11.74 -8.98
CA ILE D 151 -29.43 11.93 -9.08
C ILE D 151 -30.08 10.75 -9.81
N TYR D 152 -30.74 9.90 -9.05
CA TYR D 152 -31.43 8.77 -9.64
C TYR D 152 -32.80 9.22 -10.14
N LEU D 153 -33.02 9.11 -11.46
CA LEU D 153 -34.35 9.31 -12.10
C LEU D 153 -35.13 8.00 -12.14
N ARG D 154 -35.77 7.68 -11.02
CA ARG D 154 -36.43 6.40 -10.80
C ARG D 154 -37.63 6.29 -11.69
N THR D 155 -37.88 5.07 -12.18
CA THR D 155 -39.08 4.78 -12.97
C THR D 155 -39.46 3.32 -12.87
N SER D 156 -40.70 3.04 -13.25
CA SER D 156 -41.12 1.66 -13.47
C SER D 156 -40.84 1.32 -14.94
N PRO D 157 -40.28 0.12 -15.18
CA PRO D 157 -39.97 -0.38 -16.51
C PRO D 157 -41.09 -0.06 -17.47
N GLU D 158 -42.32 -0.46 -17.14
CA GLU D 158 -43.51 -0.13 -17.91
C GLU D 158 -43.37 1.26 -18.52
N VAL D 159 -43.16 2.27 -17.67
CA VAL D 159 -43.16 3.65 -18.11
C VAL D 159 -42.00 3.88 -19.06
N ALA D 160 -40.82 3.45 -18.67
CA ALA D 160 -39.64 3.57 -19.52
C ALA D 160 -39.90 3.10 -20.97
N TYR D 161 -40.32 1.84 -21.18
CA TYR D 161 -40.63 1.33 -22.53
C TYR D 161 -41.40 2.36 -23.38
N GLU D 162 -42.44 2.97 -22.79
CA GLU D 162 -43.33 3.93 -23.46
C GLU D 162 -42.63 5.23 -23.94
N ARG D 163 -41.32 5.33 -23.71
CA ARG D 163 -40.51 6.43 -24.24
C ARG D 163 -39.65 5.99 -25.43
N ILE D 164 -39.80 4.73 -25.84
CA ILE D 164 -39.25 4.18 -27.08
C ILE D 164 -40.21 4.37 -28.28
N CYS D 174 -33.98 -0.29 -30.04
CA CYS D 174 -35.29 -0.90 -29.77
C CYS D 174 -35.20 -2.29 -29.08
N VAL D 175 -35.73 -2.33 -27.86
CA VAL D 175 -35.38 -3.32 -26.89
C VAL D 175 -36.64 -3.80 -26.20
N PRO D 176 -36.64 -5.03 -25.68
CA PRO D 176 -37.66 -5.72 -24.90
C PRO D 176 -37.94 -5.13 -23.50
N LEU D 177 -39.14 -5.35 -22.99
CA LEU D 177 -39.49 -4.86 -21.66
C LEU D 177 -38.69 -5.63 -20.62
N LYS D 178 -38.50 -6.93 -20.83
CA LYS D 178 -37.78 -7.76 -19.86
C LYS D 178 -36.37 -7.21 -19.57
N TYR D 179 -35.72 -6.75 -20.64
CA TYR D 179 -34.40 -6.13 -20.58
C TYR D 179 -34.40 -4.88 -19.71
N LEU D 180 -35.31 -3.96 -20.00
CA LEU D 180 -35.50 -2.78 -19.16
C LEU D 180 -35.79 -3.16 -17.72
N GLN D 181 -36.46 -4.29 -17.52
CA GLN D 181 -36.79 -4.75 -16.17
C GLN D 181 -35.52 -5.12 -15.40
N GLU D 182 -34.63 -5.85 -16.07
CA GLU D 182 -33.37 -6.31 -15.50
C GLU D 182 -32.47 -5.13 -15.20
N LEU D 183 -32.42 -4.15 -16.11
CA LEU D 183 -31.66 -2.93 -15.88
C LEU D 183 -32.23 -2.15 -14.70
N HIS D 184 -33.55 -2.15 -14.57
CA HIS D 184 -34.21 -1.51 -13.46
C HIS D 184 -33.80 -2.15 -12.13
N GLU D 185 -33.87 -3.49 -12.06
CA GLU D 185 -33.48 -4.21 -10.85
C GLU D 185 -32.04 -3.89 -10.45
N LEU D 186 -31.15 -3.79 -11.43
CA LEU D 186 -29.73 -3.55 -11.16
C LEU D 186 -29.53 -2.12 -10.69
N HIS D 187 -30.24 -1.19 -11.33
CA HIS D 187 -30.21 0.20 -10.93
C HIS D 187 -30.76 0.35 -9.53
N GLU D 188 -31.75 -0.47 -9.20
CA GLU D 188 -32.33 -0.47 -7.89
C GLU D 188 -31.38 -1.00 -6.82
N ASP D 189 -30.81 -2.19 -7.06
CA ASP D 189 -29.84 -2.80 -6.16
C ASP D 189 -28.72 -1.84 -5.84
N TRP D 190 -28.22 -1.16 -6.88
CA TRP D 190 -27.06 -0.29 -6.78
C TRP D 190 -27.39 0.99 -6.03
N LEU D 191 -28.54 1.58 -6.31
CA LEU D 191 -28.79 2.94 -5.81
C LEU D 191 -29.75 3.06 -4.64
N ILE D 192 -30.64 2.10 -4.45
CA ILE D 192 -31.56 2.15 -3.29
C ILE D 192 -31.03 1.30 -2.14
N HIS D 193 -30.78 0.03 -2.42
CA HIS D 193 -30.33 -0.91 -1.39
C HIS D 193 -28.80 -0.81 -1.12
N GLN D 194 -28.29 0.42 -1.23
CA GLN D 194 -26.87 0.76 -1.02
C GLN D 194 -25.89 -0.35 -1.38
N CYS D 200 -21.53 8.15 -1.41
CA CYS D 200 -21.87 9.50 -1.80
C CYS D 200 -23.40 9.57 -1.93
N LYS D 201 -23.98 10.70 -1.53
CA LYS D 201 -25.45 10.81 -1.40
C LYS D 201 -26.24 10.61 -2.72
N VAL D 202 -27.37 9.90 -2.60
CA VAL D 202 -28.23 9.56 -3.75
C VAL D 202 -29.57 10.28 -3.70
N LEU D 203 -29.75 11.28 -4.55
CA LEU D 203 -31.02 11.94 -4.64
C LEU D 203 -31.96 11.17 -5.56
N VAL D 204 -32.95 10.50 -4.97
CA VAL D 204 -33.96 9.78 -5.77
C VAL D 204 -35.08 10.72 -6.26
N LEU D 205 -35.27 10.78 -7.57
CA LEU D 205 -36.39 11.50 -8.17
C LEU D 205 -37.37 10.54 -8.80
N ASP D 206 -38.61 11.00 -8.93
CA ASP D 206 -39.61 10.18 -9.57
C ASP D 206 -39.76 10.67 -11.00
N ALA D 207 -39.30 9.85 -11.93
CA ALA D 207 -39.32 10.21 -13.34
C ALA D 207 -40.52 9.64 -14.10
N ASP D 208 -41.51 9.12 -13.35
CA ASP D 208 -42.85 8.79 -13.91
C ASP D 208 -43.64 10.09 -14.12
#